data_5L7I
#
_entry.id   5L7I
#
_cell.length_a   52.820
_cell.length_b   71.290
_cell.length_c   107.020
_cell.angle_alpha   91.53
_cell.angle_beta   98.20
_cell.angle_gamma   105.92
#
_symmetry.space_group_name_H-M   'P 1'
#
loop_
_entity.id
_entity.type
_entity.pdbx_description
1 polymer 'Smoothened homolog,Soluble cytochrome b562,Smoothened homolog'
2 non-polymer 2-acetamido-2-deoxy-beta-D-glucopyranose
3 non-polymer 2-chloranyl-~{N}-(4-chloranyl-3-pyridin-2-yl-phenyl)-4-methylsulfonyl-benzamide
4 non-polymer 'SODIUM ION'
5 non-polymer '[(Z)-octadec-9-enyl] (2R)-2,3-bis(oxidanyl)propanoate'
#
_entity_poly.entity_id   1
_entity_poly.type   'polypeptide(L)'
_entity_poly.pdbx_seq_one_letter_code
;SSGNATGPGPRSAGGSARRSAAVTGPPPPLSHCGRAAPCEPLRYNVCLGSVLPYGATSTLLAGDSDSQEEAHGKLVLWSG
LRNAPRCWAVIQPLLCAVYMPKCENDRVELPSRTLCQATRGPCAIVERERGWPDFLRCTPDRFPEGCTNEVQNIKFNSSG
QCEVPLVRTDNPKSWYEDVEGCGIQCQNPLFTEAEHQDMHSYIAAFGAVTGLCTLFTLATFVADWRNSNRYPAVILFYVN
ACFFVGSIGWLAQFMDGARREIVCRADGTMRLGEPTSNETLSCVIIFVIVYYALMAGFVWFVVLTYAWHTSFKALGTTYQ
PLSGKTSYFHLLTWSLPFVLTVAILAVAQVDGDSVSGICFVGYKNYRYRAGFVLAPIGLVLIVGGYFLIRGVMTLFSARR
QLADLEDNWETLNDNLKVIEKADNAAQVKDALTKMRAAALDAQKATPPKLEDKSPDSPEMKDFRHGFDILVGQIDDALKL
ANEGKVKEAQAAAEQLKTTRNAYIQKYLERARSTLSKINETMLRLGIFGFLAFGFVLITFSCHFYDFFNQAEWERSFRDY
VLCQANVTIGLPTKQPIPDCEIKNRPSLLVEKINLFAMFGTGIAMSTWVWTKATLLIWRRTWCRLTGQGTETSQVAPA
;
_entity_poly.pdbx_strand_id   A,B
#
# COMPACT_ATOMS: atom_id res chain seq x y z
N PRO A 26 -59.85 -33.26 31.98
CA PRO A 26 -60.73 -32.42 31.15
C PRO A 26 -61.30 -31.24 31.97
N PRO A 27 -60.59 -30.08 32.00
CA PRO A 27 -61.08 -28.96 32.81
C PRO A 27 -62.05 -28.03 32.03
N PRO A 28 -63.04 -27.38 32.70
CA PRO A 28 -63.96 -26.49 31.97
C PRO A 28 -63.35 -25.10 31.71
N PRO A 29 -63.28 -24.64 30.44
CA PRO A 29 -62.65 -23.33 30.16
C PRO A 29 -63.48 -22.15 30.61
N LEU A 30 -62.76 -21.08 30.95
CA LEU A 30 -63.21 -19.78 31.46
C LEU A 30 -64.21 -19.09 30.53
N SER A 31 -65.13 -18.34 31.14
CA SER A 31 -66.23 -17.60 30.52
C SER A 31 -65.77 -16.53 29.52
N HIS A 32 -64.73 -15.72 29.87
CA HIS A 32 -64.25 -14.63 29.01
C HIS A 32 -63.45 -15.12 27.80
N CYS A 33 -62.87 -16.32 27.87
CA CYS A 33 -62.10 -16.91 26.77
C CYS A 33 -63.03 -17.53 25.70
N GLY A 34 -64.33 -17.52 25.96
CA GLY A 34 -65.36 -18.05 25.06
C GLY A 34 -66.34 -17.02 24.55
N ARG A 35 -67.10 -17.40 23.50
CA ARG A 35 -68.11 -16.57 22.86
C ARG A 35 -69.30 -17.45 22.47
N ALA A 36 -70.52 -17.14 22.96
CA ALA A 36 -71.73 -17.92 22.69
C ALA A 36 -72.05 -17.91 21.19
N ALA A 37 -72.04 -19.10 20.56
CA ALA A 37 -72.26 -19.27 19.12
C ALA A 37 -72.83 -20.64 18.75
N PRO A 38 -73.67 -20.77 17.69
CA PRO A 38 -74.16 -22.11 17.29
C PRO A 38 -73.04 -22.87 16.57
N CYS A 39 -72.62 -24.02 17.13
CA CYS A 39 -71.52 -24.81 16.61
C CYS A 39 -71.95 -25.74 15.48
N GLU A 40 -71.46 -25.45 14.25
CA GLU A 40 -71.72 -26.25 13.05
C GLU A 40 -70.51 -27.15 12.74
N PRO A 41 -70.71 -28.40 12.23
CA PRO A 41 -69.55 -29.28 11.98
C PRO A 41 -68.62 -28.80 10.86
N LEU A 42 -67.33 -29.15 10.98
CA LEU A 42 -66.28 -28.79 10.02
C LEU A 42 -66.43 -29.53 8.69
N ARG A 43 -66.34 -28.78 7.58
CA ARG A 43 -66.40 -29.32 6.23
C ARG A 43 -65.03 -29.91 5.89
N TYR A 44 -63.95 -29.18 6.23
CA TYR A 44 -62.56 -29.56 6.00
C TYR A 44 -61.92 -30.00 7.31
N ASN A 45 -61.25 -31.16 7.28
CA ASN A 45 -60.56 -31.73 8.45
C ASN A 45 -59.08 -31.32 8.47
N VAL A 46 -58.74 -30.20 7.80
CA VAL A 46 -57.38 -29.66 7.68
C VAL A 46 -57.42 -28.12 7.54
N CYS A 47 -56.50 -27.43 8.26
CA CYS A 47 -56.36 -25.96 8.22
C CYS A 47 -54.88 -25.63 8.00
N LEU A 48 -54.59 -25.03 6.82
CA LEU A 48 -53.25 -24.58 6.36
C LEU A 48 -52.18 -25.69 6.48
N GLY A 49 -52.53 -26.89 6.00
CA GLY A 49 -51.66 -28.06 5.99
C GLY A 49 -51.46 -28.78 7.31
N SER A 50 -52.44 -28.68 8.22
CA SER A 50 -52.38 -29.36 9.52
C SER A 50 -53.77 -29.85 9.94
N VAL A 51 -53.81 -31.08 10.49
CA VAL A 51 -55.02 -31.77 10.97
C VAL A 51 -55.61 -31.02 12.19
N LEU A 52 -56.96 -30.97 12.27
CA LEU A 52 -57.67 -30.36 13.38
C LEU A 52 -58.28 -31.46 14.28
N PRO A 53 -58.10 -31.40 15.61
CA PRO A 53 -58.67 -32.47 16.47
C PRO A 53 -60.17 -32.31 16.72
N TYR A 54 -60.65 -31.05 16.89
CA TYR A 54 -62.06 -30.72 17.14
C TYR A 54 -62.91 -30.96 15.89
N GLY A 55 -64.23 -31.13 16.11
CA GLY A 55 -65.18 -31.41 15.05
C GLY A 55 -66.05 -30.24 14.60
N ALA A 56 -66.39 -29.32 15.52
CA ALA A 56 -67.25 -28.18 15.20
C ALA A 56 -66.47 -26.87 15.06
N THR A 57 -67.05 -25.91 14.31
CA THR A 57 -66.46 -24.59 14.01
C THR A 57 -67.55 -23.49 14.01
N SER A 58 -67.12 -22.23 13.84
CA SER A 58 -68.00 -21.04 13.77
C SER A 58 -67.44 -20.01 12.79
N THR A 59 -68.31 -19.41 11.97
CA THR A 59 -67.95 -18.42 10.95
C THR A 59 -68.22 -16.97 11.41
N LEU A 60 -68.48 -16.77 12.73
CA LEU A 60 -68.76 -15.44 13.27
C LEU A 60 -67.49 -14.71 13.72
N LEU A 61 -66.40 -15.45 14.01
CA LEU A 61 -65.13 -14.84 14.41
C LEU A 61 -64.48 -14.14 13.21
N ALA A 62 -64.69 -14.71 12.00
CA ALA A 62 -64.22 -14.15 10.73
C ALA A 62 -65.31 -13.22 10.18
N GLY A 63 -65.02 -11.93 10.16
CA GLY A 63 -65.95 -10.89 9.71
C GLY A 63 -66.35 -10.97 8.26
N ASP A 64 -65.35 -11.14 7.36
CA ASP A 64 -65.54 -11.22 5.91
C ASP A 64 -66.28 -12.48 5.47
N SER A 65 -66.06 -13.61 6.18
CA SER A 65 -66.64 -14.91 5.88
C SER A 65 -67.99 -15.14 6.56
N ASP A 66 -68.93 -15.73 5.83
CA ASP A 66 -70.28 -16.05 6.32
C ASP A 66 -70.70 -17.46 5.82
N SER A 67 -69.68 -18.29 5.54
CA SER A 67 -69.76 -19.68 5.08
C SER A 67 -68.40 -20.35 5.26
N GLN A 68 -68.39 -21.68 5.52
CA GLN A 68 -67.16 -22.46 5.69
C GLN A 68 -66.37 -22.52 4.38
N GLU A 69 -67.08 -22.63 3.24
CA GLU A 69 -66.51 -22.65 1.88
C GLU A 69 -65.91 -21.29 1.55
N GLU A 70 -66.57 -20.21 2.02
CA GLU A 70 -66.13 -18.82 1.86
C GLU A 70 -64.91 -18.56 2.75
N ALA A 71 -64.89 -19.16 3.95
CA ALA A 71 -63.78 -19.05 4.92
C ALA A 71 -62.51 -19.69 4.36
N HIS A 72 -62.66 -20.84 3.67
CA HIS A 72 -61.57 -21.57 3.02
C HIS A 72 -61.11 -20.80 1.77
N GLY A 73 -62.03 -20.06 1.18
CA GLY A 73 -61.79 -19.19 0.02
C GLY A 73 -61.02 -17.95 0.40
N LYS A 74 -61.18 -17.50 1.66
CA LYS A 74 -60.48 -16.34 2.22
C LYS A 74 -59.12 -16.80 2.76
N LEU A 75 -59.05 -18.03 3.32
CA LEU A 75 -57.83 -18.63 3.86
C LEU A 75 -56.81 -18.92 2.76
N VAL A 76 -57.28 -19.27 1.54
CA VAL A 76 -56.43 -19.57 0.39
C VAL A 76 -55.78 -18.27 -0.14
N LEU A 77 -56.42 -17.10 0.10
CA LEU A 77 -55.89 -15.79 -0.28
C LEU A 77 -54.85 -15.35 0.76
N TRP A 78 -55.12 -15.69 2.05
CA TRP A 78 -54.24 -15.43 3.18
C TRP A 78 -53.01 -16.34 3.14
N SER A 79 -53.14 -17.52 2.49
CA SER A 79 -52.04 -18.49 2.32
C SER A 79 -51.02 -17.99 1.28
N GLY A 80 -51.35 -16.89 0.60
CA GLY A 80 -50.48 -16.23 -0.36
C GLY A 80 -49.29 -15.54 0.31
N LEU A 81 -49.30 -15.56 1.66
CA LEU A 81 -48.26 -15.04 2.53
C LEU A 81 -47.28 -16.15 2.93
N ARG A 82 -47.18 -17.23 2.11
CA ARG A 82 -46.26 -18.36 2.28
C ARG A 82 -44.83 -17.85 2.16
N ASN A 83 -44.65 -16.86 1.27
CA ASN A 83 -43.40 -16.14 1.04
C ASN A 83 -43.25 -15.20 2.23
N ALA A 84 -42.00 -14.97 2.69
CA ALA A 84 -41.66 -14.25 3.92
C ALA A 84 -41.97 -15.20 5.08
N PRO A 85 -40.98 -16.06 5.44
CA PRO A 85 -41.22 -17.09 6.47
C PRO A 85 -41.52 -16.55 7.86
N ARG A 86 -40.90 -15.42 8.27
CA ARG A 86 -41.08 -14.84 9.60
C ARG A 86 -42.54 -14.47 9.87
N CYS A 87 -43.26 -13.97 8.86
CA CYS A 87 -44.67 -13.64 8.98
C CYS A 87 -45.51 -14.91 8.91
N TRP A 88 -45.18 -15.81 7.96
CA TRP A 88 -45.89 -17.08 7.74
C TRP A 88 -45.84 -17.99 8.98
N ALA A 89 -44.71 -18.03 9.70
CA ALA A 89 -44.53 -18.86 10.89
C ALA A 89 -45.46 -18.48 12.05
N VAL A 90 -45.80 -17.19 12.19
CA VAL A 90 -46.65 -16.70 13.27
C VAL A 90 -48.12 -16.49 12.85
N ILE A 91 -48.40 -16.30 11.55
CA ILE A 91 -49.76 -16.04 11.07
C ILE A 91 -50.59 -17.36 10.93
N GLN A 92 -49.94 -18.52 10.66
CA GLN A 92 -50.61 -19.82 10.51
C GLN A 92 -51.48 -20.18 11.74
N PRO A 93 -51.00 -20.12 13.01
CA PRO A 93 -51.90 -20.45 14.14
C PRO A 93 -52.97 -19.39 14.38
N LEU A 94 -52.73 -18.13 13.95
CA LEU A 94 -53.70 -17.04 14.11
C LEU A 94 -54.84 -17.19 13.10
N LEU A 95 -54.53 -17.44 11.82
CA LEU A 95 -55.50 -17.60 10.74
C LEU A 95 -56.44 -18.78 10.98
N CYS A 96 -55.95 -19.86 11.60
CA CYS A 96 -56.76 -21.02 11.92
C CYS A 96 -57.61 -20.77 13.17
N ALA A 97 -57.11 -19.94 14.12
CA ALA A 97 -57.85 -19.61 15.35
C ALA A 97 -59.01 -18.64 15.11
N VAL A 98 -59.05 -17.97 13.94
CA VAL A 98 -60.09 -17.00 13.59
C VAL A 98 -61.06 -17.61 12.55
N TYR A 99 -60.53 -18.15 11.44
CA TYR A 99 -61.33 -18.70 10.34
C TYR A 99 -61.91 -20.09 10.65
N MET A 100 -61.10 -21.04 11.17
CA MET A 100 -61.59 -22.39 11.50
C MET A 100 -61.35 -22.68 13.00
N PRO A 101 -62.09 -22.02 13.94
CA PRO A 101 -61.80 -22.23 15.37
C PRO A 101 -62.56 -23.40 16.00
N LYS A 102 -62.19 -23.74 17.25
CA LYS A 102 -62.80 -24.80 18.05
C LYS A 102 -64.14 -24.34 18.61
N CYS A 103 -65.18 -25.14 18.39
CA CYS A 103 -66.53 -24.87 18.87
C CYS A 103 -67.02 -26.10 19.65
N GLU A 104 -67.40 -25.90 20.92
CA GLU A 104 -67.87 -26.99 21.77
C GLU A 104 -68.91 -26.46 22.76
N ASN A 105 -70.03 -27.21 22.91
CA ASN A 105 -71.17 -26.92 23.81
C ASN A 105 -71.73 -25.50 23.56
N ASP A 106 -71.94 -25.17 22.27
CA ASP A 106 -72.46 -23.90 21.74
C ASP A 106 -71.67 -22.68 22.25
N ARG A 107 -70.33 -22.76 22.17
CA ARG A 107 -69.40 -21.67 22.48
C ARG A 107 -68.10 -21.86 21.70
N VAL A 108 -67.67 -20.80 21.02
CA VAL A 108 -66.46 -20.78 20.19
C VAL A 108 -65.30 -20.17 21.00
N GLU A 109 -64.11 -20.80 20.91
CA GLU A 109 -62.90 -20.39 21.62
C GLU A 109 -62.30 -19.11 21.00
N LEU A 110 -62.22 -18.04 21.80
CA LEU A 110 -61.61 -16.78 21.37
C LEU A 110 -60.08 -16.91 21.36
N PRO A 111 -59.36 -16.32 20.37
CA PRO A 111 -57.90 -16.48 20.36
C PRO A 111 -57.21 -15.56 21.37
N SER A 112 -56.12 -16.06 22.00
CA SER A 112 -55.33 -15.31 23.00
C SER A 112 -54.62 -14.12 22.36
N ARG A 113 -54.45 -13.03 23.13
CA ARG A 113 -53.78 -11.81 22.64
C ARG A 113 -52.29 -12.07 22.35
N THR A 114 -51.67 -13.05 23.05
CA THR A 114 -50.27 -13.46 22.86
C THR A 114 -50.06 -14.02 21.45
N LEU A 115 -51.04 -14.78 20.94
CA LEU A 115 -51.05 -15.37 19.60
C LEU A 115 -51.22 -14.27 18.53
N CYS A 116 -51.98 -13.21 18.89
CA CYS A 116 -52.29 -12.07 18.04
C CYS A 116 -51.10 -11.12 17.93
N GLN A 117 -50.56 -10.67 19.08
CA GLN A 117 -49.43 -9.73 19.18
C GLN A 117 -48.15 -10.27 18.55
N ALA A 118 -48.04 -11.61 18.42
CA ALA A 118 -46.91 -12.31 17.81
C ALA A 118 -46.79 -12.02 16.30
N THR A 119 -47.92 -11.63 15.64
CA THR A 119 -47.96 -11.34 14.20
C THR A 119 -47.64 -9.88 13.89
N ARG A 120 -48.07 -8.93 14.76
CA ARG A 120 -47.90 -7.47 14.59
C ARG A 120 -46.50 -7.07 14.06
N GLY A 121 -45.45 -7.68 14.61
CA GLY A 121 -44.08 -7.44 14.22
C GLY A 121 -43.71 -8.00 12.85
N PRO A 122 -43.60 -9.34 12.70
CA PRO A 122 -43.22 -9.92 11.39
C PRO A 122 -44.20 -9.66 10.25
N CYS A 123 -45.51 -9.61 10.54
CA CYS A 123 -46.54 -9.35 9.54
C CYS A 123 -46.88 -7.85 9.48
N ALA A 124 -45.83 -7.00 9.50
CA ALA A 124 -45.98 -5.54 9.38
C ALA A 124 -46.33 -5.18 7.94
N ILE A 125 -45.92 -6.05 6.99
CA ILE A 125 -46.16 -5.97 5.55
C ILE A 125 -47.69 -5.97 5.26
N VAL A 126 -48.46 -6.74 6.06
CA VAL A 126 -49.92 -6.87 5.93
C VAL A 126 -50.59 -5.50 6.18
N GLU A 127 -50.18 -4.79 7.26
CA GLU A 127 -50.72 -3.46 7.63
C GLU A 127 -50.39 -2.40 6.57
N ARG A 128 -49.21 -2.53 5.93
CA ARG A 128 -48.72 -1.60 4.91
C ARG A 128 -49.36 -1.83 3.53
N GLU A 129 -49.41 -3.09 3.06
CA GLU A 129 -49.93 -3.46 1.75
C GLU A 129 -51.46 -3.30 1.64
N ARG A 130 -52.23 -3.92 2.55
CA ARG A 130 -53.70 -3.84 2.52
C ARG A 130 -54.30 -3.21 3.78
N GLY A 131 -53.70 -3.49 4.95
CA GLY A 131 -54.19 -2.99 6.23
C GLY A 131 -54.98 -4.06 6.96
N TRP A 132 -54.72 -4.22 8.27
CA TRP A 132 -55.38 -5.23 9.11
C TRP A 132 -56.89 -4.97 9.23
N PRO A 133 -57.76 -5.98 8.96
CA PRO A 133 -59.21 -5.76 9.13
C PRO A 133 -59.58 -5.70 10.61
N ASP A 134 -60.73 -5.05 10.92
CA ASP A 134 -61.23 -4.83 12.28
C ASP A 134 -61.27 -6.11 13.14
N PHE A 135 -61.59 -7.28 12.54
CA PHE A 135 -61.64 -8.54 13.27
C PHE A 135 -60.23 -9.14 13.53
N LEU A 136 -59.20 -8.68 12.78
CA LEU A 136 -57.83 -9.17 12.94
C LEU A 136 -56.91 -8.13 13.60
N ARG A 137 -57.47 -7.29 14.49
CA ARG A 137 -56.73 -6.28 15.24
C ARG A 137 -56.76 -6.66 16.73
N CYS A 138 -55.57 -6.75 17.35
CA CYS A 138 -55.39 -7.19 18.74
C CYS A 138 -55.91 -6.17 19.76
N THR A 139 -57.25 -6.12 19.88
CA THR A 139 -58.00 -5.32 20.83
C THR A 139 -58.32 -6.25 22.04
N PRO A 140 -58.52 -5.76 23.30
CA PRO A 140 -58.83 -6.69 24.41
C PRO A 140 -60.13 -7.48 24.20
N ASP A 141 -61.08 -6.89 23.46
CA ASP A 141 -62.33 -7.53 23.05
C ASP A 141 -62.00 -8.31 21.76
N ARG A 142 -62.57 -9.52 21.61
CA ARG A 142 -62.38 -10.48 20.49
C ARG A 142 -60.95 -11.12 20.52
N PHE A 143 -60.06 -10.66 21.44
CA PHE A 143 -58.71 -11.18 21.68
C PHE A 143 -58.36 -11.02 23.18
N PRO A 144 -58.86 -11.92 24.08
CA PRO A 144 -58.57 -11.76 25.51
C PRO A 144 -57.26 -12.41 25.98
N GLU A 145 -56.75 -11.94 27.13
CA GLU A 145 -55.51 -12.41 27.76
C GLU A 145 -55.78 -13.57 28.73
N GLY A 146 -54.80 -14.46 28.86
CA GLY A 146 -54.88 -15.62 29.74
C GLY A 146 -55.81 -16.71 29.23
N CYS A 147 -55.74 -17.00 27.92
CA CYS A 147 -56.57 -18.00 27.27
C CYS A 147 -55.72 -19.09 26.61
N THR A 148 -56.08 -20.36 26.86
CA THR A 148 -55.41 -21.54 26.31
C THR A 148 -56.13 -21.97 25.03
N ASN A 149 -55.39 -21.97 23.90
CA ASN A 149 -55.93 -22.34 22.58
C ASN A 149 -55.60 -23.77 22.19
N GLU A 150 -56.47 -24.38 21.36
CA GLU A 150 -56.29 -25.74 20.84
C GLU A 150 -55.29 -25.72 19.67
N VAL A 151 -55.21 -24.57 18.95
CA VAL A 151 -54.30 -24.35 17.82
C VAL A 151 -52.84 -24.25 18.33
N GLN A 152 -52.67 -23.89 19.63
CA GLN A 152 -51.38 -23.79 20.31
C GLN A 152 -50.71 -25.17 20.38
N ASN A 153 -51.53 -26.23 20.55
CA ASN A 153 -51.10 -27.64 20.58
C ASN A 153 -50.69 -28.11 19.20
N ILE A 154 -51.33 -27.56 18.13
CA ILE A 154 -51.11 -27.91 16.74
C ILE A 154 -49.79 -27.31 16.23
N LYS A 155 -48.96 -28.16 15.60
CA LYS A 155 -47.66 -27.80 15.04
C LYS A 155 -47.76 -27.75 13.51
N PHE A 156 -47.21 -26.68 12.92
CA PHE A 156 -47.20 -26.43 11.48
C PHE A 156 -45.77 -26.53 10.95
N ASN A 157 -45.55 -27.43 9.98
CA ASN A 157 -44.23 -27.68 9.40
C ASN A 157 -43.95 -26.85 8.13
N SER A 158 -45.01 -26.27 7.52
CA SER A 158 -44.89 -25.47 6.29
C SER A 158 -44.40 -24.04 6.57
N SER A 159 -43.18 -23.73 6.08
CA SER A 159 -42.47 -22.44 6.19
C SER A 159 -41.17 -22.46 5.38
N GLY A 160 -40.39 -21.38 5.46
CA GLY A 160 -39.10 -21.24 4.79
C GLY A 160 -39.13 -21.18 3.28
N GLN A 161 -40.09 -20.44 2.69
CA GLN A 161 -40.20 -20.31 1.24
C GLN A 161 -39.92 -18.86 0.80
N CYS A 162 -38.91 -18.70 -0.09
CA CYS A 162 -38.52 -17.41 -0.67
C CYS A 162 -38.55 -17.54 -2.18
N GLU A 163 -39.34 -16.69 -2.84
CA GLU A 163 -39.51 -16.69 -4.29
C GLU A 163 -38.35 -16.00 -4.97
N VAL A 164 -37.64 -16.69 -5.90
CA VAL A 164 -36.48 -16.12 -6.62
C VAL A 164 -36.93 -14.86 -7.44
N PRO A 165 -36.18 -13.73 -7.50
CA PRO A 165 -34.80 -13.46 -7.03
C PRO A 165 -34.57 -13.31 -5.51
N LEU A 166 -35.51 -13.72 -4.64
CA LEU A 166 -35.23 -13.63 -3.21
C LEU A 166 -34.69 -14.97 -2.70
N VAL A 167 -33.61 -14.91 -1.91
CA VAL A 167 -32.94 -16.06 -1.30
C VAL A 167 -33.19 -16.05 0.21
N ARG A 168 -33.42 -17.24 0.80
CA ARG A 168 -33.68 -17.43 2.22
C ARG A 168 -32.41 -17.13 3.02
N THR A 169 -32.51 -16.14 3.92
CA THR A 169 -31.41 -15.68 4.78
C THR A 169 -31.94 -15.38 6.19
N ASP A 170 -31.10 -15.61 7.21
CA ASP A 170 -31.45 -15.35 8.61
C ASP A 170 -30.85 -14.03 9.10
N ASN A 171 -29.97 -13.41 8.31
CA ASN A 171 -29.33 -12.13 8.62
C ASN A 171 -30.39 -11.00 8.52
N PRO A 172 -30.64 -10.25 9.62
CA PRO A 172 -31.67 -9.20 9.58
C PRO A 172 -31.28 -8.02 8.68
N LYS A 173 -29.97 -7.74 8.58
CA LYS A 173 -29.41 -6.66 7.76
C LYS A 173 -29.33 -7.06 6.28
N SER A 174 -29.97 -8.18 5.90
CA SER A 174 -30.00 -8.71 4.53
C SER A 174 -31.43 -8.81 3.96
N TRP A 175 -32.46 -8.76 4.83
CA TRP A 175 -33.88 -8.89 4.46
C TRP A 175 -34.35 -7.70 3.62
N TYR A 176 -34.83 -8.00 2.40
CA TYR A 176 -35.30 -7.00 1.43
C TYR A 176 -36.64 -6.42 1.87
N GLU A 177 -36.68 -5.08 2.07
CA GLU A 177 -37.84 -4.29 2.51
C GLU A 177 -38.37 -4.82 3.87
N ASP A 178 -39.66 -5.20 3.93
CA ASP A 178 -40.31 -5.75 5.13
C ASP A 178 -40.47 -7.27 5.02
N VAL A 179 -39.97 -7.86 3.92
CA VAL A 179 -40.02 -9.30 3.65
C VAL A 179 -38.95 -9.97 4.54
N GLU A 180 -39.26 -10.11 5.84
CA GLU A 180 -38.40 -10.70 6.86
C GLU A 180 -38.22 -12.20 6.59
N GLY A 181 -36.98 -12.61 6.36
CA GLY A 181 -36.63 -13.99 6.04
C GLY A 181 -36.07 -14.16 4.63
N CYS A 182 -36.41 -13.22 3.71
CA CYS A 182 -35.94 -13.25 2.33
C CYS A 182 -35.10 -12.01 2.00
N GLY A 183 -33.95 -12.24 1.38
CA GLY A 183 -33.02 -11.20 0.93
C GLY A 183 -32.81 -11.25 -0.56
N ILE A 184 -32.39 -10.13 -1.18
CA ILE A 184 -32.13 -10.02 -2.62
C ILE A 184 -30.93 -10.91 -3.00
N GLN A 185 -31.08 -11.77 -4.04
CA GLN A 185 -30.01 -12.68 -4.48
C GLN A 185 -28.81 -11.91 -5.03
N CYS A 186 -27.61 -12.52 -4.95
CA CYS A 186 -26.34 -11.94 -5.37
C CYS A 186 -26.31 -11.60 -6.86
N GLN A 187 -26.75 -12.53 -7.73
CA GLN A 187 -26.80 -12.33 -9.17
C GLN A 187 -27.90 -11.31 -9.51
N ASN A 188 -27.55 -10.27 -10.31
CA ASN A 188 -28.48 -9.21 -10.73
C ASN A 188 -29.69 -9.84 -11.45
N PRO A 189 -30.93 -9.69 -10.91
CA PRO A 189 -32.10 -10.32 -11.53
C PRO A 189 -32.53 -9.71 -12.87
N LEU A 190 -32.08 -8.48 -13.17
CA LEU A 190 -32.43 -7.78 -14.40
C LEU A 190 -31.63 -8.30 -15.61
N PHE A 191 -30.56 -9.09 -15.38
CA PHE A 191 -29.71 -9.64 -16.44
C PHE A 191 -29.61 -11.17 -16.34
N THR A 192 -29.63 -11.86 -17.49
CA THR A 192 -29.61 -13.33 -17.59
C THR A 192 -28.21 -13.91 -17.29
N GLU A 193 -28.16 -15.25 -17.08
CA GLU A 193 -26.94 -16.03 -16.82
C GLU A 193 -26.00 -15.98 -18.04
N ALA A 194 -26.58 -15.98 -19.25
CA ALA A 194 -25.86 -15.90 -20.52
C ALA A 194 -25.26 -14.51 -20.74
N GLU A 195 -25.99 -13.45 -20.31
CA GLU A 195 -25.58 -12.05 -20.43
C GLU A 195 -24.40 -11.74 -19.50
N HIS A 196 -24.37 -12.36 -18.30
CA HIS A 196 -23.30 -12.23 -17.31
C HIS A 196 -22.00 -12.79 -17.90
N GLN A 197 -22.09 -14.01 -18.49
CA GLN A 197 -21.01 -14.73 -19.16
C GLN A 197 -20.40 -13.89 -20.30
N ASP A 198 -21.26 -13.16 -21.05
CA ASP A 198 -20.90 -12.30 -22.17
C ASP A 198 -20.11 -11.07 -21.70
N MET A 199 -20.55 -10.41 -20.61
CA MET A 199 -19.87 -9.24 -20.05
C MET A 199 -18.54 -9.68 -19.39
N HIS A 200 -18.54 -10.84 -18.70
CA HIS A 200 -17.34 -11.37 -18.04
C HIS A 200 -16.28 -11.79 -19.07
N SER A 201 -16.70 -12.19 -20.30
CA SER A 201 -15.78 -12.56 -21.38
C SER A 201 -15.10 -11.30 -21.94
N TYR A 202 -15.84 -10.17 -21.94
CA TYR A 202 -15.39 -8.86 -22.40
C TYR A 202 -14.34 -8.29 -21.43
N ILE A 203 -14.58 -8.42 -20.11
CA ILE A 203 -13.71 -7.94 -19.03
C ILE A 203 -12.41 -8.77 -19.01
N ALA A 204 -12.52 -10.10 -19.16
CA ALA A 204 -11.36 -11.02 -19.18
C ALA A 204 -10.41 -10.68 -20.33
N ALA A 205 -10.95 -10.51 -21.56
CA ALA A 205 -10.20 -10.19 -22.76
C ALA A 205 -9.53 -8.82 -22.67
N PHE A 206 -10.28 -7.78 -22.26
CA PHE A 206 -9.77 -6.40 -22.14
C PHE A 206 -8.78 -6.26 -20.98
N GLY A 207 -9.04 -6.98 -19.88
CA GLY A 207 -8.20 -6.97 -18.68
C GLY A 207 -6.84 -7.60 -18.92
N ALA A 208 -6.82 -8.78 -19.57
CA ALA A 208 -5.60 -9.53 -19.87
C ALA A 208 -4.69 -8.79 -20.86
N VAL A 209 -5.27 -8.20 -21.93
CA VAL A 209 -4.50 -7.45 -22.94
C VAL A 209 -3.85 -6.23 -22.28
N THR A 210 -4.63 -5.46 -21.49
CA THR A 210 -4.16 -4.27 -20.76
C THR A 210 -3.07 -4.71 -19.78
N GLY A 211 -3.40 -5.67 -18.91
CA GLY A 211 -2.51 -6.23 -17.90
C GLY A 211 -1.13 -6.62 -18.41
N LEU A 212 -1.08 -7.30 -19.58
CA LEU A 212 0.17 -7.73 -20.20
C LEU A 212 0.90 -6.58 -20.89
N CYS A 213 0.15 -5.62 -21.50
CA CYS A 213 0.71 -4.46 -22.19
C CYS A 213 1.34 -3.48 -21.21
N THR A 214 0.60 -3.14 -20.13
CA THR A 214 1.02 -2.20 -19.10
C THR A 214 2.23 -2.74 -18.31
N LEU A 215 2.25 -4.07 -18.00
CA LEU A 215 3.35 -4.72 -17.29
C LEU A 215 4.63 -4.67 -18.12
N PHE A 216 4.51 -4.87 -19.45
CA PHE A 216 5.61 -4.81 -20.41
C PHE A 216 6.27 -3.44 -20.38
N THR A 217 5.45 -2.37 -20.35
CA THR A 217 5.88 -0.97 -20.28
C THR A 217 6.65 -0.73 -18.98
N LEU A 218 6.10 -1.22 -17.84
CA LEU A 218 6.71 -1.10 -16.52
C LEU A 218 8.05 -1.86 -16.45
N ALA A 219 8.11 -3.04 -17.10
CA ALA A 219 9.31 -3.89 -17.17
C ALA A 219 10.40 -3.25 -18.03
N THR A 220 10.00 -2.48 -19.07
CA THR A 220 10.91 -1.76 -19.96
C THR A 220 11.49 -0.55 -19.21
N PHE A 221 10.64 0.15 -18.42
CA PHE A 221 11.03 1.32 -17.63
C PHE A 221 12.00 0.97 -16.50
N VAL A 222 11.77 -0.14 -15.76
CA VAL A 222 12.64 -0.56 -14.66
C VAL A 222 14.01 -1.05 -15.22
N ALA A 223 14.02 -1.62 -16.44
CA ALA A 223 15.22 -2.14 -17.11
C ALA A 223 16.23 -1.03 -17.42
N ASP A 224 15.73 0.17 -17.78
CA ASP A 224 16.54 1.35 -18.12
C ASP A 224 16.22 2.49 -17.12
N TRP A 225 16.00 2.13 -15.83
CA TRP A 225 15.63 3.05 -14.75
C TRP A 225 16.56 4.27 -14.63
N ARG A 226 17.84 4.10 -15.05
CA ARG A 226 18.90 5.12 -15.09
C ARG A 226 18.44 6.35 -15.86
N ASN A 227 17.94 6.12 -17.08
CA ASN A 227 17.48 7.11 -18.04
C ASN A 227 15.96 7.32 -17.96
N SER A 228 15.22 6.26 -17.58
CA SER A 228 13.76 6.23 -17.50
C SER A 228 13.17 7.13 -16.40
N ASN A 229 13.82 7.22 -15.22
CA ASN A 229 13.33 8.07 -14.14
C ASN A 229 13.71 9.53 -14.44
N ARG A 230 13.03 10.11 -15.45
CA ARG A 230 13.22 11.46 -15.96
C ARG A 230 11.93 11.97 -16.59
N TYR A 231 11.63 13.26 -16.40
CA TYR A 231 10.44 13.90 -16.96
C TYR A 231 10.62 14.14 -18.47
N PRO A 232 9.58 13.94 -19.31
CA PRO A 232 8.19 13.58 -18.99
C PRO A 232 7.91 12.07 -19.00
N ALA A 233 8.91 11.24 -19.37
CA ALA A 233 8.81 9.77 -19.48
C ALA A 233 8.39 9.11 -18.15
N VAL A 234 8.90 9.63 -17.02
CA VAL A 234 8.61 9.11 -15.68
C VAL A 234 7.10 9.22 -15.33
N ILE A 235 6.38 10.23 -15.88
CA ILE A 235 4.94 10.41 -15.65
C ILE A 235 4.18 9.20 -16.19
N LEU A 236 4.50 8.80 -17.44
CA LEU A 236 3.85 7.67 -18.13
C LEU A 236 4.10 6.32 -17.41
N PHE A 237 5.24 6.19 -16.68
CA PHE A 237 5.55 5.00 -15.88
C PHE A 237 4.49 4.80 -14.78
N TYR A 238 4.20 5.86 -14.01
CA TYR A 238 3.20 5.82 -12.93
C TYR A 238 1.77 5.73 -13.49
N VAL A 239 1.54 6.26 -14.72
CA VAL A 239 0.24 6.18 -15.41
C VAL A 239 -0.06 4.70 -15.65
N ASN A 240 0.92 3.99 -16.26
CA ASN A 240 0.85 2.56 -16.54
C ASN A 240 0.69 1.76 -15.24
N ALA A 241 1.44 2.13 -14.17
CA ALA A 241 1.37 1.50 -12.85
C ALA A 241 -0.05 1.55 -12.30
N CYS A 242 -0.77 2.67 -12.52
CA CYS A 242 -2.16 2.85 -12.09
C CYS A 242 -3.08 1.93 -12.90
N PHE A 243 -2.83 1.79 -14.21
CA PHE A 243 -3.63 0.92 -15.07
C PHE A 243 -3.31 -0.57 -14.84
N PHE A 244 -2.12 -0.87 -14.28
CA PHE A 244 -1.73 -2.25 -13.95
C PHE A 244 -2.47 -2.71 -12.71
N VAL A 245 -2.46 -1.89 -11.64
CA VAL A 245 -3.14 -2.16 -10.37
C VAL A 245 -4.65 -2.28 -10.63
N GLY A 246 -5.19 -1.39 -11.48
CA GLY A 246 -6.57 -1.40 -11.89
C GLY A 246 -6.97 -2.69 -12.58
N SER A 247 -6.05 -3.23 -13.42
CA SER A 247 -6.22 -4.49 -14.13
C SER A 247 -6.27 -5.66 -13.14
N ILE A 248 -5.43 -5.65 -12.08
CA ILE A 248 -5.39 -6.69 -11.04
C ILE A 248 -6.76 -6.77 -10.34
N GLY A 249 -7.30 -5.60 -9.95
CA GLY A 249 -8.60 -5.47 -9.30
C GLY A 249 -9.76 -5.92 -10.15
N TRP A 250 -9.73 -5.59 -11.45
CA TRP A 250 -10.76 -5.97 -12.41
C TRP A 250 -10.68 -7.46 -12.75
N LEU A 251 -9.46 -8.02 -12.82
CA LEU A 251 -9.23 -9.44 -13.16
C LEU A 251 -9.29 -10.36 -11.93
N ALA A 252 -9.42 -9.78 -10.72
CA ALA A 252 -9.47 -10.52 -9.45
C ALA A 252 -10.64 -11.52 -9.39
N GLN A 253 -11.79 -11.16 -10.00
CA GLN A 253 -13.01 -11.96 -10.07
C GLN A 253 -12.86 -13.29 -10.84
N PHE A 254 -11.79 -13.42 -11.65
CA PHE A 254 -11.57 -14.59 -12.50
C PHE A 254 -10.85 -15.74 -11.77
N MET A 255 -10.56 -15.59 -10.46
CA MET A 255 -10.02 -16.69 -9.65
C MET A 255 -11.19 -17.61 -9.30
N ASP A 256 -10.94 -18.90 -9.02
CA ASP A 256 -12.02 -19.85 -8.74
C ASP A 256 -12.82 -19.43 -7.48
N GLY A 257 -14.10 -19.11 -7.70
CA GLY A 257 -15.03 -18.68 -6.68
C GLY A 257 -14.77 -17.32 -6.07
N ALA A 258 -14.02 -16.46 -6.78
CA ALA A 258 -13.66 -15.12 -6.31
C ALA A 258 -14.82 -14.14 -6.52
N ARG A 259 -15.52 -14.22 -7.66
CA ARG A 259 -16.64 -13.34 -8.00
C ARG A 259 -17.77 -13.46 -6.97
N ARG A 260 -18.00 -14.70 -6.48
CA ARG A 260 -19.05 -14.99 -5.49
C ARG A 260 -18.47 -14.92 -4.05
N GLU A 261 -17.37 -14.17 -3.89
CA GLU A 261 -16.66 -13.90 -2.63
C GLU A 261 -16.49 -12.38 -2.49
N ILE A 262 -16.26 -11.70 -3.63
CA ILE A 262 -16.10 -10.25 -3.72
C ILE A 262 -17.48 -9.57 -3.75
N VAL A 263 -18.38 -10.01 -4.65
CA VAL A 263 -19.71 -9.43 -4.86
C VAL A 263 -20.77 -10.03 -3.91
N CYS A 264 -20.62 -11.32 -3.51
CA CYS A 264 -21.61 -11.98 -2.66
C CYS A 264 -21.28 -11.91 -1.18
N ARG A 265 -22.33 -11.70 -0.35
CA ARG A 265 -22.23 -11.71 1.11
C ARG A 265 -22.06 -13.15 1.60
N ALA A 266 -21.89 -13.35 2.92
CA ALA A 266 -21.70 -14.67 3.53
C ALA A 266 -22.94 -15.56 3.40
N ASP A 267 -24.15 -14.96 3.39
CA ASP A 267 -25.43 -15.68 3.31
C ASP A 267 -25.88 -15.97 1.88
N GLY A 268 -25.34 -15.25 0.91
CA GLY A 268 -25.69 -15.42 -0.50
C GLY A 268 -26.40 -14.24 -1.11
N THR A 269 -26.66 -13.18 -0.30
CA THR A 269 -27.29 -11.95 -0.77
C THR A 269 -26.22 -11.06 -1.43
N MET A 270 -26.62 -10.05 -2.23
CA MET A 270 -25.64 -9.15 -2.86
C MET A 270 -25.05 -8.19 -1.82
N ARG A 271 -23.77 -7.83 -1.99
CA ARG A 271 -23.07 -6.93 -1.06
C ARG A 271 -23.50 -5.48 -1.22
N LEU A 272 -23.96 -4.88 -0.11
CA LEU A 272 -24.42 -3.50 -0.04
C LEU A 272 -23.98 -2.81 1.26
N GLY A 273 -23.74 -1.50 1.17
CA GLY A 273 -23.35 -0.64 2.28
C GLY A 273 -22.06 -0.99 2.99
N GLU A 274 -21.12 -1.65 2.27
CA GLU A 274 -19.82 -2.07 2.81
C GLU A 274 -18.91 -0.84 3.06
N PRO A 275 -18.02 -0.84 4.09
CA PRO A 275 -17.71 -1.92 5.05
C PRO A 275 -18.83 -2.19 6.06
N THR A 276 -19.36 -3.43 6.05
CA THR A 276 -20.43 -3.89 6.96
C THR A 276 -19.84 -4.85 8.00
N SER A 277 -20.50 -4.90 9.18
CA SER A 277 -20.10 -5.74 10.32
C SER A 277 -20.26 -7.24 10.02
N ASN A 278 -19.33 -8.05 10.54
CA ASN A 278 -19.27 -9.53 10.45
C ASN A 278 -19.32 -10.05 8.99
N GLU A 279 -18.53 -9.42 8.12
CA GLU A 279 -18.38 -9.79 6.71
C GLU A 279 -16.93 -9.60 6.28
N THR A 280 -16.45 -10.44 5.33
CA THR A 280 -15.08 -10.40 4.81
C THR A 280 -14.79 -9.05 4.12
N LEU A 281 -13.60 -8.51 4.37
CA LEU A 281 -13.11 -7.24 3.82
C LEU A 281 -12.94 -7.28 2.29
N SER A 282 -12.84 -8.50 1.71
CA SER A 282 -12.68 -8.83 0.29
C SER A 282 -13.29 -7.80 -0.69
N CYS A 283 -14.53 -7.34 -0.40
CA CYS A 283 -15.25 -6.39 -1.23
C CYS A 283 -14.55 -5.02 -1.25
N VAL A 284 -14.34 -4.40 -0.06
CA VAL A 284 -13.71 -3.07 0.04
C VAL A 284 -12.22 -3.14 -0.40
N ILE A 285 -11.60 -4.34 -0.37
CA ILE A 285 -10.21 -4.56 -0.82
C ILE A 285 -10.17 -4.31 -2.33
N ILE A 286 -11.06 -5.00 -3.08
CA ILE A 286 -11.16 -4.88 -4.54
C ILE A 286 -11.65 -3.47 -4.92
N PHE A 287 -12.54 -2.86 -4.11
CA PHE A 287 -13.01 -1.49 -4.35
C PHE A 287 -11.83 -0.51 -4.31
N VAL A 288 -11.02 -0.55 -3.22
CA VAL A 288 -9.86 0.32 -2.98
C VAL A 288 -8.87 0.16 -4.14
N ILE A 289 -8.55 -1.09 -4.53
CA ILE A 289 -7.64 -1.40 -5.63
C ILE A 289 -8.15 -0.79 -6.94
N VAL A 290 -9.46 -0.92 -7.26
CA VAL A 290 -10.04 -0.40 -8.50
C VAL A 290 -10.17 1.15 -8.46
N TYR A 291 -10.99 1.72 -7.55
CA TYR A 291 -11.27 3.16 -7.43
C TYR A 291 -10.02 4.04 -7.23
N TYR A 292 -9.09 3.64 -6.33
CA TYR A 292 -7.88 4.41 -6.05
C TYR A 292 -6.99 4.49 -7.30
N ALA A 293 -6.74 3.33 -7.96
CA ALA A 293 -5.94 3.24 -9.18
C ALA A 293 -6.59 3.97 -10.35
N LEU A 294 -7.93 4.09 -10.32
CA LEU A 294 -8.72 4.80 -11.32
C LEU A 294 -8.48 6.30 -11.15
N MET A 295 -8.73 6.83 -9.93
CA MET A 295 -8.59 8.25 -9.60
C MET A 295 -7.15 8.73 -9.70
N ALA A 296 -6.17 7.97 -9.16
CA ALA A 296 -4.75 8.32 -9.24
C ALA A 296 -4.28 8.37 -10.70
N GLY A 297 -4.92 7.58 -11.57
CA GLY A 297 -4.67 7.54 -13.00
C GLY A 297 -5.07 8.84 -13.69
N PHE A 298 -6.14 9.49 -13.18
CA PHE A 298 -6.64 10.77 -13.69
C PHE A 298 -5.79 11.94 -13.18
N VAL A 299 -5.29 11.85 -11.91
CA VAL A 299 -4.43 12.90 -11.32
C VAL A 299 -3.09 12.89 -12.07
N TRP A 300 -2.59 11.69 -12.43
CA TRP A 300 -1.36 11.53 -13.21
C TRP A 300 -1.56 12.00 -14.66
N PHE A 301 -2.83 12.01 -15.14
CA PHE A 301 -3.18 12.49 -16.47
C PHE A 301 -3.07 14.03 -16.48
N VAL A 302 -3.56 14.68 -15.41
CA VAL A 302 -3.54 16.14 -15.21
C VAL A 302 -2.06 16.60 -15.12
N VAL A 303 -1.20 15.77 -14.47
CA VAL A 303 0.24 16.00 -14.33
C VAL A 303 0.87 16.00 -15.73
N LEU A 304 0.51 15.01 -16.57
CA LEU A 304 0.96 14.85 -17.95
C LEU A 304 0.61 16.07 -18.80
N THR A 305 -0.63 16.59 -18.65
CA THR A 305 -1.11 17.76 -19.40
C THR A 305 -0.42 19.05 -18.90
N TYR A 306 -0.09 19.13 -17.59
CA TYR A 306 0.61 20.27 -17.00
C TYR A 306 2.07 20.27 -17.47
N ALA A 307 2.65 19.07 -17.67
CA ALA A 307 4.01 18.86 -18.15
C ALA A 307 4.14 19.33 -19.60
N TRP A 308 3.07 19.16 -20.40
CA TRP A 308 3.02 19.59 -21.79
C TRP A 308 2.85 21.10 -21.87
N HIS A 309 2.32 21.73 -20.81
CA HIS A 309 2.14 23.18 -20.76
C HIS A 309 3.49 23.85 -20.43
N THR A 310 4.18 23.32 -19.39
CA THR A 310 5.47 23.81 -18.89
C THR A 310 6.65 23.47 -19.82
N SER A 311 6.46 22.54 -20.78
CA SER A 311 7.50 22.13 -21.74
C SER A 311 7.90 23.29 -22.67
N PHE A 312 6.95 24.20 -22.96
CA PHE A 312 7.15 25.38 -23.81
C PHE A 312 7.77 26.54 -23.01
N LEU A 322 10.81 21.44 -13.23
CA LEU A 322 9.85 20.36 -13.05
C LEU A 322 10.37 19.27 -12.10
N SER A 323 11.71 19.08 -12.06
CA SER A 323 12.43 18.16 -11.16
C SER A 323 12.26 18.59 -9.70
N GLY A 324 12.18 19.90 -9.47
CA GLY A 324 11.97 20.49 -8.15
C GLY A 324 10.52 20.48 -7.73
N LYS A 325 9.63 20.06 -8.64
CA LYS A 325 8.18 19.98 -8.45
C LYS A 325 7.72 18.51 -8.27
N THR A 326 8.67 17.54 -8.29
CA THR A 326 8.45 16.10 -8.13
C THR A 326 7.67 15.81 -6.85
N SER A 327 8.06 16.49 -5.73
CA SER A 327 7.41 16.38 -4.41
C SER A 327 5.96 16.81 -4.47
N TYR A 328 5.66 17.92 -5.20
CA TYR A 328 4.31 18.43 -5.38
C TYR A 328 3.48 17.49 -6.26
N PHE A 329 4.12 16.84 -7.27
CA PHE A 329 3.45 15.90 -8.16
C PHE A 329 3.04 14.62 -7.43
N HIS A 330 3.98 14.00 -6.68
CA HIS A 330 3.74 12.76 -5.95
C HIS A 330 2.76 12.94 -4.78
N LEU A 331 2.65 14.16 -4.22
CA LEU A 331 1.73 14.41 -3.11
C LEU A 331 0.28 14.33 -3.59
N LEU A 332 -0.13 15.20 -4.54
CA LEU A 332 -1.48 15.29 -5.07
C LEU A 332 -1.95 14.01 -5.80
N THR A 333 -1.04 13.25 -6.43
CA THR A 333 -1.41 12.02 -7.16
C THR A 333 -1.71 10.84 -6.23
N TRP A 334 -1.22 10.87 -4.98
CA TRP A 334 -1.45 9.77 -4.05
C TRP A 334 -2.27 10.17 -2.81
N SER A 335 -2.36 11.49 -2.49
CA SER A 335 -3.11 11.96 -1.31
C SER A 335 -4.58 12.20 -1.64
N LEU A 336 -4.87 12.95 -2.74
CA LEU A 336 -6.23 13.27 -3.18
C LEU A 336 -7.07 12.00 -3.41
N PRO A 337 -6.58 10.93 -4.11
CA PRO A 337 -7.42 9.72 -4.26
C PRO A 337 -7.62 9.00 -2.93
N PHE A 338 -6.61 9.05 -2.03
CA PHE A 338 -6.65 8.44 -0.70
C PHE A 338 -7.79 9.05 0.12
N VAL A 339 -7.89 10.40 0.14
CA VAL A 339 -8.91 11.18 0.85
C VAL A 339 -10.32 10.76 0.36
N LEU A 340 -10.54 10.73 -0.96
CA LEU A 340 -11.81 10.34 -1.59
C LEU A 340 -12.19 8.89 -1.29
N THR A 341 -11.20 7.98 -1.25
CA THR A 341 -11.40 6.55 -0.95
C THR A 341 -11.78 6.36 0.53
N VAL A 342 -11.05 7.02 1.45
CA VAL A 342 -11.29 6.99 2.90
C VAL A 342 -12.70 7.53 3.18
N ALA A 343 -13.11 8.60 2.44
CA ALA A 343 -14.43 9.22 2.53
C ALA A 343 -15.56 8.25 2.18
N ILE A 344 -15.39 7.46 1.09
CA ILE A 344 -16.38 6.47 0.64
C ILE A 344 -16.51 5.37 1.70
N LEU A 345 -15.36 4.91 2.25
CA LEU A 345 -15.33 3.87 3.29
C LEU A 345 -15.97 4.37 4.60
N ALA A 346 -15.83 5.68 4.89
CA ALA A 346 -16.41 6.31 6.08
C ALA A 346 -17.95 6.38 5.99
N VAL A 347 -18.48 6.79 4.81
CA VAL A 347 -19.93 6.89 4.56
C VAL A 347 -20.52 5.49 4.25
N ALA A 348 -19.64 4.48 4.03
CA ALA A 348 -19.93 3.08 3.72
C ALA A 348 -20.93 2.96 2.55
N GLN A 349 -20.47 3.33 1.34
CA GLN A 349 -21.27 3.28 0.12
C GLN A 349 -20.69 2.32 -0.92
N VAL A 350 -19.91 1.32 -0.46
CA VAL A 350 -19.32 0.31 -1.33
C VAL A 350 -20.36 -0.79 -1.54
N ASP A 351 -20.76 -0.99 -2.80
CA ASP A 351 -21.73 -2.00 -3.22
C ASP A 351 -21.10 -2.87 -4.30
N GLY A 352 -21.64 -4.07 -4.51
CA GLY A 352 -21.12 -5.00 -5.51
C GLY A 352 -22.14 -5.42 -6.55
N ASP A 353 -21.71 -5.43 -7.83
CA ASP A 353 -22.55 -5.85 -8.96
C ASP A 353 -21.97 -7.12 -9.58
N SER A 354 -22.81 -8.15 -9.75
CA SER A 354 -22.45 -9.45 -10.32
C SER A 354 -22.02 -9.37 -11.78
N VAL A 355 -22.56 -8.38 -12.53
CA VAL A 355 -22.26 -8.16 -13.94
C VAL A 355 -20.82 -7.62 -14.07
N SER A 356 -20.45 -6.59 -13.29
CA SER A 356 -19.10 -6.01 -13.29
C SER A 356 -18.09 -6.96 -12.63
N GLY A 357 -18.56 -7.73 -11.65
CA GLY A 357 -17.75 -8.68 -10.90
C GLY A 357 -16.80 -8.03 -9.91
N ILE A 358 -16.99 -6.71 -9.67
CA ILE A 358 -16.17 -5.93 -8.74
C ILE A 358 -17.05 -5.08 -7.83
N CYS A 359 -16.47 -4.57 -6.74
CA CYS A 359 -17.13 -3.68 -5.80
C CYS A 359 -16.81 -2.24 -6.19
N PHE A 360 -17.81 -1.34 -6.08
CA PHE A 360 -17.65 0.06 -6.47
C PHE A 360 -18.53 0.98 -5.60
N VAL A 361 -18.37 2.29 -5.77
CA VAL A 361 -19.11 3.32 -5.03
C VAL A 361 -20.42 3.67 -5.78
N GLY A 362 -21.52 3.67 -5.03
CA GLY A 362 -22.86 4.04 -5.50
C GLY A 362 -23.54 3.19 -6.54
N TYR A 363 -23.55 1.85 -6.36
CA TYR A 363 -24.26 0.96 -7.27
C TYR A 363 -25.76 0.99 -6.94
N LYS A 364 -26.09 1.20 -5.66
CA LYS A 364 -27.45 1.32 -5.13
C LYS A 364 -27.87 2.80 -5.12
N ASN A 365 -27.17 3.64 -4.33
CA ASN A 365 -27.45 5.06 -4.22
C ASN A 365 -26.51 5.85 -5.13
N TYR A 366 -26.98 6.13 -6.35
CA TYR A 366 -26.29 6.82 -7.46
C TYR A 366 -25.79 8.23 -7.12
N ARG A 367 -26.40 8.90 -6.12
CA ARG A 367 -26.02 10.25 -5.67
C ARG A 367 -24.56 10.23 -5.21
N TYR A 368 -24.19 9.19 -4.44
CA TYR A 368 -22.83 8.97 -3.93
C TYR A 368 -21.89 8.55 -5.06
N ARG A 369 -22.42 7.96 -6.15
CA ARG A 369 -21.61 7.58 -7.31
C ARG A 369 -21.22 8.85 -8.08
N ALA A 370 -22.19 9.74 -8.36
CA ALA A 370 -21.96 10.99 -9.09
C ALA A 370 -20.98 11.91 -8.35
N GLY A 371 -21.18 12.09 -7.04
CA GLY A 371 -20.36 12.93 -6.19
C GLY A 371 -18.94 12.45 -5.96
N PHE A 372 -18.64 11.18 -6.30
CA PHE A 372 -17.32 10.59 -6.12
C PHE A 372 -16.70 10.05 -7.42
N VAL A 373 -17.47 9.99 -8.52
CA VAL A 373 -16.99 9.50 -9.81
C VAL A 373 -17.13 10.60 -10.86
N LEU A 374 -18.35 11.14 -11.08
CA LEU A 374 -18.60 12.20 -12.06
C LEU A 374 -17.98 13.53 -11.63
N ALA A 375 -17.95 13.83 -10.32
CA ALA A 375 -17.37 15.05 -9.78
C ALA A 375 -15.84 15.12 -10.06
N PRO A 376 -14.99 14.13 -9.66
CA PRO A 376 -13.56 14.25 -9.99
C PRO A 376 -13.26 14.09 -11.49
N ILE A 377 -14.00 13.22 -12.23
CA ILE A 377 -13.80 13.03 -13.68
C ILE A 377 -14.25 14.31 -14.42
N GLY A 378 -15.19 15.05 -13.82
CA GLY A 378 -15.66 16.33 -14.35
C GLY A 378 -14.57 17.38 -14.25
N LEU A 379 -13.87 17.39 -13.09
CA LEU A 379 -12.79 18.32 -12.78
C LEU A 379 -11.55 18.08 -13.66
N VAL A 380 -11.19 16.80 -13.91
CA VAL A 380 -10.00 16.47 -14.73
C VAL A 380 -10.22 16.90 -16.20
N LEU A 381 -11.48 16.95 -16.67
CA LEU A 381 -11.79 17.41 -18.02
C LEU A 381 -11.67 18.93 -18.11
N ILE A 382 -11.94 19.64 -16.99
CA ILE A 382 -11.86 21.10 -16.90
C ILE A 382 -10.39 21.52 -16.75
N VAL A 383 -9.69 20.96 -15.75
CA VAL A 383 -8.28 21.28 -15.42
C VAL A 383 -7.33 20.73 -16.52
N GLY A 384 -7.39 19.43 -16.79
CA GLY A 384 -6.57 18.76 -17.79
C GLY A 384 -6.77 19.29 -19.20
N GLY A 385 -8.03 19.56 -19.55
CA GLY A 385 -8.42 20.12 -20.84
C GLY A 385 -7.86 21.51 -21.07
N TYR A 386 -7.89 22.35 -20.01
CA TYR A 386 -7.39 23.73 -19.99
C TYR A 386 -5.89 23.77 -20.35
N PHE A 387 -5.10 22.79 -19.86
CA PHE A 387 -3.67 22.69 -20.15
C PHE A 387 -3.42 22.24 -21.58
N LEU A 388 -4.33 21.43 -22.15
CA LEU A 388 -4.25 20.96 -23.53
C LEU A 388 -4.61 22.10 -24.51
N ILE A 389 -5.54 23.00 -24.08
CA ILE A 389 -6.00 24.17 -24.85
C ILE A 389 -4.87 25.23 -24.87
N ARG A 390 -4.31 25.57 -23.68
CA ARG A 390 -3.22 26.54 -23.56
C ARG A 390 -1.91 25.99 -24.14
N GLY A 391 -1.82 24.66 -24.25
CA GLY A 391 -0.68 23.96 -24.82
C GLY A 391 -0.58 24.14 -26.32
N VAL A 392 -1.71 23.96 -27.04
CA VAL A 392 -1.78 24.17 -28.50
C VAL A 392 -1.73 25.68 -28.80
N MET A 393 -2.24 26.51 -27.85
CA MET A 393 -2.24 27.98 -27.93
C MET A 393 -0.82 28.52 -28.07
N THR A 394 0.12 27.99 -27.26
CA THR A 394 1.53 28.37 -27.27
C THR A 394 2.25 27.75 -28.47
N LEU A 395 1.85 26.51 -28.88
CA LEU A 395 2.43 25.79 -30.02
C LEU A 395 2.18 26.54 -31.34
N PHE A 396 0.95 27.04 -31.56
CA PHE A 396 0.59 27.78 -32.77
C PHE A 396 0.98 29.28 -32.70
N SER A 397 1.20 29.82 -31.48
CA SER A 397 1.63 31.22 -31.29
C SER A 397 3.09 31.38 -31.71
N ALA A 398 3.97 30.44 -31.26
CA ALA A 398 5.40 30.42 -31.58
C ALA A 398 5.62 30.05 -33.05
N ARG A 399 4.70 29.22 -33.62
CA ARG A 399 4.72 28.79 -35.02
C ARG A 399 4.35 29.98 -35.94
N ARG A 400 3.44 30.85 -35.48
CA ARG A 400 3.00 32.05 -36.20
C ARG A 400 4.11 33.12 -36.23
N GLN A 401 4.86 33.27 -35.11
CA GLN A 401 5.97 34.22 -34.96
C GLN A 401 7.03 34.04 -36.05
N LEU A 402 7.40 32.78 -36.38
CA LEU A 402 8.38 32.54 -37.44
C LEU A 402 7.74 32.65 -38.83
N ALA A 403 6.42 32.36 -38.94
CA ALA A 403 5.65 32.44 -40.19
C ALA A 403 5.46 33.91 -40.62
N ASP A 404 5.42 34.83 -39.64
CA ASP A 404 5.30 36.28 -39.83
C ASP A 404 6.68 36.92 -40.11
N LEU A 405 7.74 36.44 -39.41
CA LEU A 405 9.10 36.95 -39.59
C LEU A 405 9.72 36.50 -40.92
N GLU A 406 9.32 35.33 -41.45
CA GLU A 406 9.82 34.86 -42.74
C GLU A 406 9.07 35.57 -43.87
N ASP A 407 7.83 36.03 -43.58
CA ASP A 407 6.99 36.79 -44.51
C ASP A 407 7.58 38.19 -44.70
N ASN A 408 8.11 38.77 -43.60
CA ASN A 408 8.74 40.08 -43.62
C ASN A 408 10.16 39.99 -44.22
N TRP A 409 10.82 38.83 -44.08
CA TRP A 409 12.15 38.58 -44.63
C TRP A 409 12.09 38.59 -46.17
N GLU A 410 11.03 37.97 -46.75
CA GLU A 410 10.82 37.90 -48.19
C GLU A 410 10.44 39.28 -48.75
N THR A 411 9.62 40.07 -48.01
CA THR A 411 9.19 41.42 -48.42
C THR A 411 10.43 42.33 -48.55
N LEU A 412 11.42 42.20 -47.63
CA LEU A 412 12.67 42.94 -47.66
C LEU A 412 13.54 42.52 -48.85
N ASN A 413 13.69 41.18 -49.05
CA ASN A 413 14.46 40.57 -50.13
C ASN A 413 13.94 40.94 -51.52
N ASP A 414 12.60 40.85 -51.72
CA ASP A 414 11.94 41.15 -53.00
C ASP A 414 11.97 42.64 -53.32
N ASN A 415 11.76 43.52 -52.32
CA ASN A 415 11.79 44.98 -52.51
C ASN A 415 13.20 45.49 -52.80
N LEU A 416 14.25 44.78 -52.32
CA LEU A 416 15.64 45.12 -52.60
C LEU A 416 15.96 44.84 -54.06
N LYS A 417 15.36 43.77 -54.62
CA LYS A 417 15.47 43.36 -56.02
C LYS A 417 14.71 44.35 -56.91
N VAL A 418 13.68 45.03 -56.36
CA VAL A 418 12.87 46.05 -57.04
C VAL A 418 13.71 47.33 -57.20
N ILE A 419 14.47 47.73 -56.15
CA ILE A 419 15.36 48.91 -56.18
C ILE A 419 16.47 48.68 -57.23
N GLU A 420 17.01 47.44 -57.29
CA GLU A 420 18.05 47.01 -58.25
C GLU A 420 17.54 47.13 -59.69
N LYS A 421 16.31 46.66 -59.93
CA LYS A 421 15.59 46.64 -61.19
C LYS A 421 15.18 48.06 -61.61
N ALA A 422 14.79 48.90 -60.62
CA ALA A 422 14.33 50.27 -60.79
C ALA A 422 15.38 51.21 -61.38
N ASP A 423 14.92 52.14 -62.22
CA ASP A 423 15.71 53.17 -62.89
C ASP A 423 15.18 54.56 -62.54
N ASN A 424 13.88 54.64 -62.20
CA ASN A 424 13.17 55.86 -61.81
C ASN A 424 13.36 56.13 -60.33
N ALA A 425 13.50 57.42 -59.95
CA ALA A 425 13.66 57.86 -58.57
C ALA A 425 12.37 57.65 -57.76
N ALA A 426 11.20 57.61 -58.45
CA ALA A 426 9.89 57.39 -57.84
C ALA A 426 9.67 55.91 -57.50
N GLN A 427 10.24 55.00 -58.31
CA GLN A 427 10.19 53.54 -58.13
C GLN A 427 10.98 53.15 -56.88
N VAL A 428 12.19 53.73 -56.73
CA VAL A 428 13.11 53.52 -55.60
C VAL A 428 12.46 54.04 -54.31
N LYS A 429 11.81 55.23 -54.39
CA LYS A 429 11.10 55.87 -53.28
C LYS A 429 9.91 55.01 -52.82
N ASP A 430 9.22 54.35 -53.77
CA ASP A 430 8.07 53.48 -53.53
C ASP A 430 8.48 52.18 -52.81
N ALA A 431 9.59 51.54 -53.27
CA ALA A 431 10.09 50.29 -52.71
C ALA A 431 10.71 50.47 -51.32
N LEU A 432 11.30 51.66 -51.04
CA LEU A 432 11.90 51.98 -49.74
C LEU A 432 10.82 52.20 -48.68
N THR A 433 9.70 52.85 -49.06
CA THR A 433 8.56 53.13 -48.17
C THR A 433 7.85 51.82 -47.79
N LYS A 434 7.85 50.83 -48.71
CA LYS A 434 7.28 49.50 -48.48
C LYS A 434 8.18 48.70 -47.54
N MET A 435 9.52 48.88 -47.68
CA MET A 435 10.55 48.24 -46.86
C MET A 435 10.56 48.83 -45.45
N ARG A 436 10.18 50.12 -45.30
CA ARG A 436 10.14 50.82 -44.01
C ARG A 436 8.97 50.32 -43.15
N ALA A 437 7.78 50.12 -43.78
CA ALA A 437 6.57 49.62 -43.10
C ALA A 437 6.74 48.16 -42.66
N ALA A 438 7.38 47.34 -43.52
CA ALA A 438 7.66 45.92 -43.26
C ALA A 438 8.67 45.74 -42.14
N ALA A 439 9.62 46.70 -42.00
CA ALA A 439 10.65 46.70 -40.97
C ALA A 439 10.04 46.99 -39.59
N LEU A 440 9.06 47.93 -39.53
CA LEU A 440 8.37 48.30 -38.30
C LEU A 440 7.40 47.21 -37.85
N ASP A 441 6.79 46.50 -38.84
CA ASP A 441 5.85 45.40 -38.64
C ASP A 441 6.55 44.16 -38.06
N ALA A 442 7.81 43.91 -38.51
CA ALA A 442 8.64 42.80 -38.06
C ALA A 442 9.31 43.12 -36.72
N GLN A 443 9.47 44.43 -36.41
CA GLN A 443 10.05 44.94 -35.17
C GLN A 443 9.14 44.62 -33.98
N LYS A 444 7.81 44.57 -34.20
CA LYS A 444 6.81 44.24 -33.18
C LYS A 444 6.27 42.83 -33.39
N LYS A 461 15.77 43.84 -27.19
CA LYS A 461 16.79 44.88 -27.19
C LYS A 461 17.89 44.57 -28.22
N ASP A 462 18.31 43.29 -28.32
CA ASP A 462 19.33 42.81 -29.26
C ASP A 462 18.78 42.82 -30.69
N PHE A 463 17.49 42.46 -30.83
CA PHE A 463 16.71 42.43 -32.07
C PHE A 463 16.31 43.85 -32.48
N ARG A 464 15.97 44.69 -31.48
CA ARG A 464 15.56 46.09 -31.61
C ARG A 464 16.71 46.97 -32.14
N HIS A 465 17.95 46.73 -31.67
CA HIS A 465 19.16 47.46 -32.05
C HIS A 465 19.51 47.20 -33.53
N GLY A 466 19.35 45.94 -33.96
CA GLY A 466 19.63 45.50 -35.32
C GLY A 466 18.68 46.06 -36.36
N PHE A 467 17.37 46.12 -36.03
CA PHE A 467 16.33 46.63 -36.92
C PHE A 467 16.38 48.16 -37.03
N ASP A 468 16.89 48.85 -35.99
CA ASP A 468 17.05 50.31 -35.95
C ASP A 468 18.10 50.76 -36.97
N ILE A 469 19.17 49.95 -37.17
CA ILE A 469 20.24 50.22 -38.12
C ILE A 469 19.67 50.14 -39.54
N LEU A 470 18.86 49.10 -39.82
CA LEU A 470 18.18 48.89 -41.10
C LEU A 470 17.19 50.03 -41.38
N VAL A 471 16.35 50.40 -40.38
CA VAL A 471 15.36 51.48 -40.45
C VAL A 471 16.09 52.82 -40.73
N GLY A 472 17.15 53.08 -39.97
CA GLY A 472 17.99 54.28 -40.12
C GLY A 472 18.62 54.39 -41.49
N GLN A 473 19.11 53.25 -42.02
CA GLN A 473 19.72 53.13 -43.34
C GLN A 473 18.71 53.39 -44.46
N ILE A 474 17.42 53.00 -44.25
CA ILE A 474 16.32 53.23 -45.21
C ILE A 474 16.10 54.75 -45.31
N ASP A 475 16.07 55.45 -44.15
CA ASP A 475 15.88 56.90 -44.06
C ASP A 475 17.00 57.67 -44.76
N ASP A 476 18.25 57.19 -44.65
CA ASP A 476 19.43 57.77 -45.29
C ASP A 476 19.35 57.59 -46.81
N ALA A 477 18.74 56.47 -47.25
CA ALA A 477 18.53 56.12 -48.66
C ALA A 477 17.33 56.88 -49.24
N LEU A 478 16.29 57.14 -48.42
CA LEU A 478 15.05 57.82 -48.78
C LEU A 478 15.28 59.29 -49.15
N LYS A 479 16.19 59.98 -48.46
CA LYS A 479 16.54 61.38 -48.70
C LYS A 479 17.14 61.51 -50.12
N LEU A 480 18.01 60.56 -50.51
CA LEU A 480 18.67 60.51 -51.82
C LEU A 480 17.64 60.32 -52.95
N ALA A 481 16.60 59.50 -52.73
CA ALA A 481 15.51 59.26 -53.68
C ALA A 481 14.62 60.50 -53.84
N ASN A 482 14.39 61.23 -52.72
CA ASN A 482 13.60 62.47 -52.67
C ASN A 482 14.28 63.58 -53.47
N GLU A 483 15.63 63.64 -53.39
CA GLU A 483 16.48 64.61 -54.09
C GLU A 483 16.53 64.35 -55.61
N GLY A 484 16.18 63.13 -56.01
CA GLY A 484 16.16 62.70 -57.41
C GLY A 484 17.31 61.77 -57.76
N LYS A 485 18.24 61.56 -56.81
CA LYS A 485 19.42 60.69 -56.97
C LYS A 485 18.99 59.23 -56.92
N VAL A 486 19.29 58.50 -58.00
CA VAL A 486 18.97 57.08 -58.16
C VAL A 486 20.22 56.25 -57.87
N LYS A 487 21.40 56.70 -58.37
CA LYS A 487 22.70 56.03 -58.22
C LYS A 487 23.13 55.94 -56.75
N GLU A 488 22.94 57.02 -55.98
CA GLU A 488 23.30 57.09 -54.57
C GLU A 488 22.33 56.29 -53.70
N ALA A 489 21.04 56.27 -54.08
CA ALA A 489 19.99 55.54 -53.36
C ALA A 489 20.12 54.03 -53.57
N GLN A 490 20.49 53.58 -54.79
CA GLN A 490 20.68 52.16 -55.13
C GLN A 490 21.91 51.59 -54.42
N ALA A 491 22.96 52.42 -54.23
CA ALA A 491 24.20 52.07 -53.54
C ALA A 491 23.94 51.92 -52.04
N ALA A 492 23.01 52.74 -51.51
CA ALA A 492 22.60 52.72 -50.11
C ALA A 492 21.76 51.47 -49.79
N ALA A 493 20.99 50.97 -50.79
CA ALA A 493 20.18 49.76 -50.69
C ALA A 493 21.06 48.51 -50.59
N GLU A 494 22.21 48.51 -51.30
CA GLU A 494 23.18 47.42 -51.29
C GLU A 494 23.89 47.34 -49.91
N GLN A 495 23.91 48.47 -49.16
CA GLN A 495 24.48 48.55 -47.82
C GLN A 495 23.57 47.85 -46.81
N LEU A 496 22.25 47.82 -47.10
CA LEU A 496 21.24 47.15 -46.27
C LEU A 496 21.35 45.63 -46.38
N LYS A 497 21.84 45.14 -47.53
CA LYS A 497 22.04 43.71 -47.82
C LYS A 497 23.11 43.11 -46.89
N THR A 498 24.21 43.85 -46.62
CA THR A 498 25.32 43.43 -45.76
C THR A 498 24.90 43.37 -44.29
N THR A 499 24.04 44.31 -43.86
CA THR A 499 23.52 44.38 -42.49
C THR A 499 22.54 43.20 -42.27
N ARG A 500 21.77 42.85 -43.31
CA ARG A 500 20.81 41.75 -43.34
C ARG A 500 21.52 40.37 -43.37
N ASN A 501 22.57 40.23 -44.21
CA ASN A 501 23.33 39.00 -44.46
C ASN A 501 24.26 38.57 -43.31
N ALA A 502 24.44 39.39 -42.27
CA ALA A 502 25.37 39.03 -41.19
C ALA A 502 24.77 39.09 -39.76
N TYR A 503 23.68 39.86 -39.55
CA TYR A 503 23.13 40.03 -38.20
C TYR A 503 21.65 39.68 -38.09
N ILE A 504 20.80 40.10 -39.05
CA ILE A 504 19.36 39.82 -39.06
C ILE A 504 19.11 38.35 -39.45
N GLN A 505 20.02 37.78 -40.27
CA GLN A 505 19.99 36.39 -40.76
C GLN A 505 20.10 35.38 -39.60
N LYS A 506 20.95 35.68 -38.59
CA LYS A 506 21.22 34.82 -37.43
C LYS A 506 19.96 34.61 -36.59
N TYR A 507 19.11 35.64 -36.41
CA TYR A 507 17.87 35.54 -35.66
C TYR A 507 16.83 34.68 -36.41
N LEU A 508 16.86 34.71 -37.76
CA LEU A 508 15.98 33.92 -38.62
C LEU A 508 16.38 32.44 -38.56
N GLU A 509 17.69 32.16 -38.47
CA GLU A 509 18.27 30.82 -38.37
C GLU A 509 17.94 30.20 -37.00
N ARG A 510 17.92 31.02 -35.94
CA ARG A 510 17.57 30.63 -34.57
C ARG A 510 16.06 30.37 -34.44
N ALA A 511 15.24 31.04 -35.27
CA ALA A 511 13.79 30.89 -35.28
C ALA A 511 13.36 29.59 -35.96
N ARG A 512 14.04 29.22 -37.07
CA ARG A 512 13.76 28.00 -37.84
C ARG A 512 14.20 26.75 -37.08
N SER A 513 15.25 26.88 -36.24
CA SER A 513 15.82 25.79 -35.43
C SER A 513 14.86 25.36 -34.30
N THR A 514 14.16 26.32 -33.67
CA THR A 514 13.20 26.07 -32.58
C THR A 514 11.96 25.33 -33.10
N LEU A 515 11.59 25.53 -34.38
CA LEU A 515 10.47 24.84 -35.03
C LEU A 515 10.82 23.35 -35.26
N SER A 516 12.11 23.03 -35.43
CA SER A 516 12.60 21.66 -35.63
C SER A 516 12.71 20.90 -34.29
N LYS A 517 12.66 21.63 -33.15
CA LYS A 517 12.71 21.06 -31.79
C LYS A 517 11.37 20.36 -31.44
N ILE A 518 10.25 20.85 -32.02
CA ILE A 518 8.88 20.38 -31.82
C ILE A 518 8.61 19.02 -32.51
N ASN A 519 9.46 18.62 -33.49
CA ASN A 519 9.37 17.44 -34.35
C ASN A 519 8.98 16.10 -33.68
N GLU A 520 9.59 15.70 -32.54
CA GLU A 520 9.27 14.37 -31.97
C GLU A 520 8.60 14.41 -30.57
N THR A 521 9.38 14.43 -29.46
CA THR A 521 8.91 14.36 -28.06
C THR A 521 7.93 15.50 -27.70
N MET A 522 8.18 16.73 -28.22
CA MET A 522 7.33 17.92 -27.98
C MET A 522 5.91 17.71 -28.49
N LEU A 523 5.76 16.93 -29.58
CA LEU A 523 4.47 16.60 -30.17
C LEU A 523 3.96 15.24 -29.68
N ARG A 524 4.86 14.29 -29.32
CA ARG A 524 4.46 12.94 -28.90
C ARG A 524 3.66 12.97 -27.61
N LEU A 525 4.10 13.76 -26.62
CA LEU A 525 3.44 13.91 -25.31
C LEU A 525 2.04 14.51 -25.50
N GLY A 526 1.90 15.44 -26.43
CA GLY A 526 0.65 16.09 -26.76
C GLY A 526 -0.36 15.16 -27.37
N ILE A 527 0.09 14.27 -28.30
CA ILE A 527 -0.72 13.26 -28.98
C ILE A 527 -1.30 12.30 -27.92
N PHE A 528 -0.44 11.83 -26.99
CA PHE A 528 -0.81 10.94 -25.88
C PHE A 528 -1.78 11.65 -24.91
N GLY A 529 -1.55 12.93 -24.68
CA GLY A 529 -2.37 13.77 -23.81
C GLY A 529 -3.78 14.00 -24.33
N PHE A 530 -3.92 14.27 -25.64
CA PHE A 530 -5.21 14.47 -26.30
C PHE A 530 -5.96 13.13 -26.43
N LEU A 531 -5.22 12.04 -26.75
CA LEU A 531 -5.76 10.68 -26.88
C LEU A 531 -6.35 10.21 -25.55
N ALA A 532 -5.63 10.46 -24.44
CA ALA A 532 -6.07 10.12 -23.09
C ALA A 532 -7.31 10.94 -22.72
N PHE A 533 -7.32 12.25 -23.09
CA PHE A 533 -8.43 13.18 -22.85
C PHE A 533 -9.72 12.67 -23.51
N GLY A 534 -9.57 12.15 -24.73
CA GLY A 534 -10.67 11.59 -25.52
C GLY A 534 -11.36 10.46 -24.79
N PHE A 535 -10.56 9.51 -24.25
CA PHE A 535 -11.05 8.35 -23.49
C PHE A 535 -11.69 8.76 -22.16
N VAL A 536 -11.18 9.83 -21.50
CA VAL A 536 -11.72 10.36 -20.24
C VAL A 536 -13.10 10.96 -20.52
N LEU A 537 -13.25 11.64 -21.69
CA LEU A 537 -14.51 12.23 -22.14
C LEU A 537 -15.56 11.14 -22.40
N ILE A 538 -15.12 9.96 -22.90
CA ILE A 538 -16.00 8.80 -23.15
C ILE A 538 -16.45 8.23 -21.80
N THR A 539 -15.51 8.02 -20.86
CA THR A 539 -15.73 7.50 -19.51
C THR A 539 -16.74 8.38 -18.77
N PHE A 540 -16.59 9.72 -18.88
CA PHE A 540 -17.50 10.70 -18.26
C PHE A 540 -18.94 10.55 -18.79
N SER A 541 -19.09 10.44 -20.12
CA SER A 541 -20.39 10.30 -20.80
C SER A 541 -21.13 9.02 -20.40
N CYS A 542 -20.40 7.91 -20.21
CA CYS A 542 -20.96 6.62 -19.83
C CYS A 542 -21.42 6.64 -18.37
N HIS A 543 -20.63 7.25 -17.47
CA HIS A 543 -20.96 7.39 -16.05
C HIS A 543 -22.11 8.38 -15.85
N PHE A 544 -22.22 9.39 -16.75
CA PHE A 544 -23.28 10.40 -16.71
C PHE A 544 -24.61 9.80 -17.16
N TYR A 545 -24.59 8.98 -18.23
CA TYR A 545 -25.78 8.30 -18.79
C TYR A 545 -26.44 7.43 -17.74
N ASP A 546 -25.62 6.72 -16.93
CA ASP A 546 -26.06 5.85 -15.87
C ASP A 546 -26.76 6.65 -14.78
N PHE A 547 -26.10 7.72 -14.27
CA PHE A 547 -26.60 8.62 -13.23
C PHE A 547 -27.94 9.29 -13.63
N PHE A 548 -28.05 9.66 -14.93
CA PHE A 548 -29.21 10.28 -15.57
C PHE A 548 -30.45 9.39 -15.47
N ASN A 549 -30.33 8.10 -15.85
CA ASN A 549 -31.44 7.15 -15.86
C ASN A 549 -31.52 6.26 -14.60
N GLN A 550 -30.60 6.43 -13.62
CA GLN A 550 -30.58 5.64 -12.38
C GLN A 550 -31.82 5.86 -11.52
N ALA A 551 -32.51 7.00 -11.68
CA ALA A 551 -33.75 7.34 -10.96
C ALA A 551 -34.91 6.42 -11.40
N GLU A 552 -34.94 6.07 -12.70
CA GLU A 552 -35.96 5.20 -13.29
C GLU A 552 -35.55 3.72 -13.20
N TRP A 553 -34.23 3.43 -13.29
CA TRP A 553 -33.72 2.05 -13.19
C TRP A 553 -33.90 1.50 -11.77
N GLU A 554 -33.89 2.39 -10.75
CA GLU A 554 -34.16 2.03 -9.36
C GLU A 554 -35.60 1.60 -9.23
N ARG A 555 -36.53 2.40 -9.81
CA ARG A 555 -37.97 2.18 -9.83
C ARG A 555 -38.33 0.84 -10.48
N SER A 556 -37.72 0.55 -11.66
CA SER A 556 -37.95 -0.67 -12.44
C SER A 556 -37.37 -1.92 -11.75
N PHE A 557 -36.20 -1.79 -11.08
CA PHE A 557 -35.57 -2.89 -10.34
C PHE A 557 -36.43 -3.26 -9.12
N ARG A 558 -36.92 -2.25 -8.40
CA ARG A 558 -37.78 -2.40 -7.22
C ARG A 558 -39.10 -3.07 -7.61
N ASP A 559 -39.71 -2.63 -8.73
CA ASP A 559 -40.98 -3.13 -9.26
C ASP A 559 -40.90 -4.61 -9.68
N TYR A 560 -39.76 -5.03 -10.26
CA TYR A 560 -39.57 -6.41 -10.74
C TYR A 560 -39.35 -7.39 -9.58
N VAL A 561 -38.58 -7.00 -8.55
CA VAL A 561 -38.29 -7.87 -7.39
C VAL A 561 -39.55 -8.05 -6.52
N LEU A 562 -40.26 -6.94 -6.22
CA LEU A 562 -41.46 -6.95 -5.38
C LEU A 562 -42.65 -7.70 -6.02
N CYS A 563 -42.77 -7.72 -7.36
CA CYS A 563 -43.89 -8.45 -7.98
C CYS A 563 -43.62 -9.96 -7.99
N GLN A 564 -42.35 -10.36 -8.25
CA GLN A 564 -41.93 -11.77 -8.26
C GLN A 564 -41.99 -12.39 -6.85
N ALA A 565 -42.12 -11.57 -5.80
CA ALA A 565 -42.19 -12.00 -4.39
C ALA A 565 -43.42 -12.89 -4.14
N ASN A 566 -44.52 -12.65 -4.86
CA ASN A 566 -45.74 -13.44 -4.74
C ASN A 566 -46.31 -13.80 -6.12
N VAL A 567 -46.64 -15.10 -6.30
CA VAL A 567 -47.28 -15.69 -7.49
C VAL A 567 -47.82 -17.09 -7.10
N THR A 568 -48.94 -17.52 -7.72
CA THR A 568 -49.60 -18.81 -7.44
C THR A 568 -48.71 -19.96 -7.93
N ASP A 579 -47.70 -12.43 -15.54
CA ASP A 579 -46.24 -12.46 -15.57
C ASP A 579 -45.61 -11.11 -15.22
N CYS A 580 -44.39 -11.15 -14.66
CA CYS A 580 -43.60 -9.98 -14.31
C CYS A 580 -42.65 -9.63 -15.46
N GLU A 581 -42.69 -8.37 -15.93
CA GLU A 581 -41.85 -7.88 -17.01
C GLU A 581 -40.96 -6.73 -16.55
N ILE A 582 -39.67 -6.76 -16.95
CA ILE A 582 -38.69 -5.73 -16.64
C ILE A 582 -39.02 -4.49 -17.49
N LYS A 583 -39.34 -3.38 -16.81
CA LYS A 583 -39.70 -2.10 -17.42
C LYS A 583 -38.53 -1.55 -18.25
N ASN A 584 -37.39 -1.25 -17.58
CA ASN A 584 -36.16 -0.74 -18.22
C ASN A 584 -34.94 -1.04 -17.33
N ARG A 585 -33.83 -1.43 -17.96
CA ARG A 585 -32.59 -1.81 -17.27
C ARG A 585 -31.37 -1.06 -17.86
N PRO A 586 -30.22 -0.96 -17.14
CA PRO A 586 -29.05 -0.26 -17.72
C PRO A 586 -28.47 -1.01 -18.91
N SER A 587 -28.07 -0.24 -19.96
CA SER A 587 -27.50 -0.78 -21.20
C SER A 587 -26.08 -1.29 -20.95
N LEU A 588 -25.87 -2.60 -21.19
CA LEU A 588 -24.58 -3.27 -20.99
C LEU A 588 -23.55 -2.86 -22.04
N LEU A 589 -24.00 -2.59 -23.28
CA LEU A 589 -23.10 -2.18 -24.36
C LEU A 589 -22.49 -0.80 -24.07
N VAL A 590 -23.22 0.06 -23.32
CA VAL A 590 -22.74 1.38 -22.87
C VAL A 590 -21.66 1.15 -21.80
N GLU A 591 -21.84 0.11 -20.96
CA GLU A 591 -20.88 -0.28 -19.92
C GLU A 591 -19.63 -0.87 -20.57
N LYS A 592 -19.81 -1.56 -21.72
CA LYS A 592 -18.72 -2.11 -22.53
C LYS A 592 -17.92 -0.97 -23.16
N ILE A 593 -18.61 0.12 -23.57
CA ILE A 593 -18.01 1.33 -24.15
C ILE A 593 -17.16 2.02 -23.06
N ASN A 594 -17.64 2.03 -21.79
CA ASN A 594 -16.93 2.60 -20.64
C ASN A 594 -15.64 1.83 -20.38
N LEU A 595 -15.70 0.48 -20.45
CA LEU A 595 -14.55 -0.41 -20.25
C LEU A 595 -13.57 -0.31 -21.43
N PHE A 596 -14.08 0.01 -22.64
CA PHE A 596 -13.26 0.21 -23.84
C PHE A 596 -12.45 1.49 -23.66
N ALA A 597 -13.04 2.50 -23.00
CA ALA A 597 -12.40 3.79 -22.73
C ALA A 597 -11.39 3.66 -21.57
N MET A 598 -11.74 2.88 -20.52
CA MET A 598 -10.89 2.66 -19.35
C MET A 598 -9.65 1.84 -19.71
N PHE A 599 -9.85 0.60 -20.21
CA PHE A 599 -8.77 -0.31 -20.62
C PHE A 599 -8.06 0.20 -21.89
N GLY A 600 -8.77 0.98 -22.70
CA GLY A 600 -8.25 1.59 -23.92
C GLY A 600 -7.08 2.52 -23.64
N THR A 601 -7.21 3.35 -22.58
CA THR A 601 -6.16 4.27 -22.15
C THR A 601 -4.97 3.47 -21.62
N GLY A 602 -5.24 2.34 -20.97
CA GLY A 602 -4.24 1.43 -20.43
C GLY A 602 -3.28 0.91 -21.49
N ILE A 603 -3.83 0.53 -22.66
CA ILE A 603 -3.07 0.03 -23.81
C ILE A 603 -2.50 1.25 -24.59
N ALA A 604 -3.28 2.36 -24.68
CA ALA A 604 -2.88 3.59 -25.37
C ALA A 604 -1.67 4.28 -24.73
N MET A 605 -1.53 4.20 -23.40
CA MET A 605 -0.40 4.81 -22.70
C MET A 605 0.78 3.83 -22.66
N SER A 606 0.51 2.54 -22.88
CA SER A 606 1.51 1.48 -22.94
C SER A 606 2.35 1.56 -24.22
N THR A 607 1.87 2.31 -25.23
CA THR A 607 2.55 2.49 -26.52
C THR A 607 3.64 3.58 -26.47
N TRP A 608 3.99 4.07 -25.26
CA TRP A 608 5.05 5.05 -25.06
C TRP A 608 6.43 4.40 -25.26
N VAL A 609 6.56 3.13 -24.83
CA VAL A 609 7.79 2.34 -24.98
C VAL A 609 7.77 1.55 -26.32
N TRP A 610 6.81 1.87 -27.20
CA TRP A 610 6.69 1.22 -28.51
C TRP A 610 7.54 2.03 -29.52
N THR A 611 8.86 2.08 -29.25
CA THR A 611 9.89 2.78 -30.02
C THR A 611 11.03 1.80 -30.37
N LYS A 612 11.93 2.20 -31.30
CA LYS A 612 13.06 1.39 -31.75
C LYS A 612 14.17 1.29 -30.68
N ALA A 613 14.27 2.30 -29.79
CA ALA A 613 15.27 2.37 -28.72
C ALA A 613 15.05 1.29 -27.66
N THR A 614 13.78 0.93 -27.40
CA THR A 614 13.40 -0.07 -26.38
C THR A 614 13.77 -1.50 -26.83
N LEU A 615 13.87 -1.75 -28.15
CA LEU A 615 14.26 -3.03 -28.72
C LEU A 615 15.70 -3.37 -28.33
N LEU A 616 16.57 -2.34 -28.33
CA LEU A 616 17.99 -2.46 -27.97
C LEU A 616 18.16 -2.55 -26.44
N ILE A 617 17.17 -2.05 -25.66
CA ILE A 617 17.18 -2.12 -24.19
C ILE A 617 17.00 -3.59 -23.77
N TRP A 618 16.06 -4.30 -24.41
CA TRP A 618 15.78 -5.72 -24.15
C TRP A 618 16.89 -6.62 -24.67
N ARG A 619 17.63 -6.19 -25.71
CA ARG A 619 18.75 -6.95 -26.28
C ARG A 619 19.97 -6.90 -25.35
N ARG A 620 20.19 -5.75 -24.70
CA ARG A 620 21.29 -5.54 -23.76
C ARG A 620 21.09 -6.33 -22.46
N THR A 621 19.84 -6.35 -21.94
CA THR A 621 19.49 -7.04 -20.70
C THR A 621 19.48 -8.57 -20.90
N TRP A 622 19.28 -9.04 -22.15
CA TRP A 622 19.29 -10.46 -22.55
C TRP A 622 20.69 -11.06 -22.38
N CYS A 623 21.72 -10.26 -22.68
CA CYS A 623 23.13 -10.63 -22.55
C CYS A 623 23.54 -10.70 -21.07
N ARG A 624 22.89 -9.87 -20.23
CA ARG A 624 23.11 -9.81 -18.78
C ARG A 624 22.32 -10.92 -18.09
N PRO B 27 55.23 45.95 -21.67
CA PRO B 27 53.94 46.31 -21.04
C PRO B 27 54.11 47.05 -19.71
N PRO B 28 53.23 48.01 -19.37
CA PRO B 28 53.41 48.74 -18.11
C PRO B 28 52.78 48.01 -16.91
N PRO B 29 53.55 47.68 -15.84
CA PRO B 29 52.92 47.02 -14.69
C PRO B 29 52.13 48.01 -13.81
N LEU B 30 51.11 47.54 -13.09
CA LEU B 30 50.28 48.43 -12.25
C LEU B 30 50.89 48.62 -10.85
N SER B 31 50.87 49.88 -10.38
CA SER B 31 51.48 50.38 -9.14
C SER B 31 50.99 49.67 -7.86
N HIS B 32 49.67 49.46 -7.71
CA HIS B 32 49.09 48.81 -6.53
C HIS B 32 49.25 47.27 -6.57
N CYS B 33 49.45 46.70 -7.77
CA CYS B 33 49.57 45.26 -8.00
C CYS B 33 50.96 44.70 -7.63
N GLY B 34 51.80 45.52 -7.01
CA GLY B 34 53.14 45.11 -6.60
C GLY B 34 53.69 45.80 -5.38
N ARG B 35 54.59 45.09 -4.67
CA ARG B 35 55.26 45.57 -3.47
C ARG B 35 56.78 45.62 -3.73
N ALA B 36 57.43 46.71 -3.28
CA ALA B 36 58.88 46.96 -3.41
C ALA B 36 59.66 45.91 -2.64
N ALA B 37 60.54 45.16 -3.36
CA ALA B 37 61.32 44.06 -2.79
C ALA B 37 62.64 43.81 -3.54
N PRO B 38 63.73 43.39 -2.88
CA PRO B 38 64.97 43.07 -3.62
C PRO B 38 64.81 41.72 -4.33
N CYS B 39 64.91 41.74 -5.68
CA CYS B 39 64.70 40.55 -6.50
C CYS B 39 65.96 39.69 -6.60
N GLU B 40 65.89 38.48 -6.00
CA GLU B 40 66.97 37.48 -6.01
C GLU B 40 66.66 36.39 -7.06
N PRO B 41 67.67 35.83 -7.78
CA PRO B 41 67.38 34.83 -8.81
C PRO B 41 66.85 33.50 -8.26
N LEU B 42 66.01 32.82 -9.07
CA LEU B 42 65.38 31.54 -8.73
C LEU B 42 66.40 30.40 -8.67
N ARG B 43 66.33 29.59 -7.60
CA ARG B 43 67.18 28.42 -7.41
C ARG B 43 66.60 27.27 -8.23
N TYR B 44 65.26 27.11 -8.18
CA TYR B 44 64.53 26.08 -8.90
C TYR B 44 63.78 26.71 -10.07
N ASN B 45 63.91 26.09 -11.26
CA ASN B 45 63.26 26.56 -12.49
C ASN B 45 61.92 25.82 -12.72
N VAL B 46 61.31 25.33 -11.62
CA VAL B 46 60.04 24.59 -11.63
C VAL B 46 59.29 24.80 -10.28
N CYS B 47 57.96 25.00 -10.36
CA CYS B 47 57.08 25.20 -9.20
C CYS B 47 55.87 24.26 -9.34
N LEU B 48 55.77 23.26 -8.43
CA LEU B 48 54.70 22.25 -8.35
C LEU B 48 54.46 21.51 -9.69
N GLY B 49 55.55 21.09 -10.33
CA GLY B 49 55.53 20.36 -11.60
C GLY B 49 55.27 21.17 -12.85
N SER B 50 55.59 22.49 -12.83
CA SER B 50 55.42 23.38 -13.98
C SER B 50 56.56 24.38 -14.08
N VAL B 51 57.05 24.59 -15.32
CA VAL B 51 58.14 25.51 -15.65
C VAL B 51 57.73 26.97 -15.40
N LEU B 52 58.69 27.78 -14.92
CA LEU B 52 58.50 29.21 -14.62
C LEU B 52 59.23 30.05 -15.68
N PRO B 53 58.56 31.04 -16.32
CA PRO B 53 59.24 31.83 -17.37
C PRO B 53 60.19 32.89 -16.81
N TYR B 54 59.80 33.55 -15.71
CA TYR B 54 60.59 34.59 -15.03
C TYR B 54 61.83 34.02 -14.35
N GLY B 55 62.82 34.88 -14.11
CA GLY B 55 64.09 34.50 -13.51
C GLY B 55 64.28 34.85 -12.04
N ALA B 56 63.70 35.97 -11.58
CA ALA B 56 63.85 36.40 -10.19
C ALA B 56 62.60 36.12 -9.34
N THR B 57 62.79 36.01 -8.01
CA THR B 57 61.75 35.72 -7.03
C THR B 57 61.98 36.53 -5.73
N SER B 58 61.03 36.42 -4.78
CA SER B 58 61.07 37.08 -3.46
C SER B 58 60.46 36.18 -2.39
N THR B 59 61.10 36.13 -1.21
CA THR B 59 60.66 35.30 -0.07
C THR B 59 59.91 36.13 1.00
N LEU B 60 59.49 37.37 0.66
CA LEU B 60 58.80 38.24 1.60
C LEU B 60 57.26 38.05 1.53
N LEU B 61 56.73 37.53 0.40
CA LEU B 61 55.29 37.27 0.26
C LEU B 61 54.89 36.08 1.14
N ALA B 62 55.79 35.11 1.29
CA ALA B 62 55.62 33.94 2.15
C ALA B 62 56.15 34.29 3.54
N GLY B 63 55.24 34.38 4.51
CA GLY B 63 55.55 34.73 5.90
C GLY B 63 56.44 33.76 6.63
N ASP B 64 56.12 32.45 6.53
CA ASP B 64 56.85 31.35 7.19
C ASP B 64 58.26 31.15 6.61
N SER B 65 58.43 31.38 5.30
CA SER B 65 59.68 31.18 4.58
C SER B 65 60.56 32.44 4.58
N ASP B 66 61.88 32.25 4.77
CA ASP B 66 62.88 33.31 4.77
C ASP B 66 64.14 32.86 4.01
N SER B 67 63.93 31.90 3.07
CA SER B 67 64.92 31.29 2.18
C SER B 67 64.19 30.55 1.06
N GLN B 68 64.81 30.47 -0.14
CA GLN B 68 64.25 29.77 -1.29
C GLN B 68 64.18 28.26 -1.04
N GLU B 69 65.20 27.71 -0.36
CA GLU B 69 65.29 26.30 0.02
C GLU B 69 64.22 25.98 1.07
N GLU B 70 63.95 26.94 1.98
CA GLU B 70 62.93 26.85 3.02
C GLU B 70 61.54 26.96 2.40
N ALA B 71 61.39 27.79 1.35
CA ALA B 71 60.14 27.99 0.61
C ALA B 71 59.74 26.71 -0.12
N HIS B 72 60.74 25.99 -0.70
CA HIS B 72 60.57 24.71 -1.39
C HIS B 72 60.27 23.62 -0.38
N GLY B 73 60.78 23.79 0.84
CA GLY B 73 60.57 22.90 1.98
C GLY B 73 59.18 23.04 2.55
N LYS B 74 58.58 24.24 2.40
CA LYS B 74 57.21 24.52 2.83
C LYS B 74 56.23 24.12 1.73
N LEU B 75 56.63 24.30 0.46
CA LEU B 75 55.85 23.95 -0.73
C LEU B 75 55.66 22.43 -0.85
N VAL B 76 56.65 21.64 -0.41
CA VAL B 76 56.61 20.17 -0.45
C VAL B 76 55.61 19.65 0.62
N LEU B 77 55.38 20.43 1.69
CA LEU B 77 54.40 20.09 2.74
C LEU B 77 53.00 20.46 2.25
N TRP B 78 52.90 21.58 1.50
CA TRP B 78 51.66 22.06 0.88
C TRP B 78 51.26 21.16 -0.29
N SER B 79 52.24 20.47 -0.91
CA SER B 79 52.00 19.54 -2.02
C SER B 79 51.35 18.24 -1.52
N GLY B 80 51.25 18.09 -0.19
CA GLY B 80 50.60 16.97 0.47
C GLY B 80 49.09 17.02 0.31
N LEU B 81 48.60 18.11 -0.33
CA LEU B 81 47.20 18.34 -0.67
C LEU B 81 46.91 17.88 -2.10
N ARG B 82 47.73 16.93 -2.61
CA ARG B 82 47.57 16.31 -3.92
C ARG B 82 46.26 15.53 -3.92
N ASN B 83 45.94 14.90 -2.78
CA ASN B 83 44.67 14.22 -2.52
C ASN B 83 43.60 15.31 -2.37
N ALA B 84 42.35 15.04 -2.81
CA ALA B 84 41.23 16.00 -2.92
C ALA B 84 41.55 16.90 -4.12
N PRO B 85 41.18 16.46 -5.35
CA PRO B 85 41.57 17.19 -6.57
C PRO B 85 40.98 18.58 -6.74
N ARG B 86 39.74 18.80 -6.26
CA ARG B 86 39.05 20.10 -6.38
C ARG B 86 39.82 21.21 -5.66
N CYS B 87 40.46 20.90 -4.52
CA CYS B 87 41.30 21.85 -3.79
C CYS B 87 42.66 22.00 -4.49
N TRP B 88 43.27 20.86 -4.89
CA TRP B 88 44.57 20.82 -5.56
C TRP B 88 44.58 21.60 -6.89
N ALA B 89 43.47 21.55 -7.65
CA ALA B 89 43.34 22.24 -8.94
C ALA B 89 43.40 23.77 -8.83
N VAL B 90 42.90 24.34 -7.72
CA VAL B 90 42.86 25.79 -7.51
C VAL B 90 44.01 26.31 -6.60
N ILE B 91 44.60 25.44 -5.77
CA ILE B 91 45.66 25.86 -4.84
C ILE B 91 47.05 25.94 -5.53
N GLN B 92 47.30 25.13 -6.60
CA GLN B 92 48.57 25.11 -7.35
C GLN B 92 48.96 26.51 -7.87
N PRO B 93 48.09 27.30 -8.57
CA PRO B 93 48.51 28.63 -9.01
C PRO B 93 48.65 29.63 -7.86
N LEU B 94 47.95 29.41 -6.74
CA LEU B 94 48.02 30.29 -5.56
C LEU B 94 49.34 30.08 -4.81
N LEU B 95 49.72 28.81 -4.55
CA LEU B 95 50.94 28.44 -3.84
C LEU B 95 52.20 28.92 -4.56
N CYS B 96 52.18 28.94 -5.91
CA CYS B 96 53.31 29.40 -6.70
C CYS B 96 53.33 30.94 -6.75
N ALA B 97 52.17 31.60 -6.68
CA ALA B 97 52.06 33.07 -6.70
C ALA B 97 52.52 33.71 -5.38
N VAL B 98 52.60 32.91 -4.29
CA VAL B 98 52.99 33.40 -2.97
C VAL B 98 54.44 32.97 -2.64
N TYR B 99 54.76 31.66 -2.78
CA TYR B 99 56.07 31.11 -2.43
C TYR B 99 57.15 31.40 -3.50
N MET B 100 56.86 31.19 -4.80
CA MET B 100 57.83 31.45 -5.87
C MET B 100 57.25 32.49 -6.88
N PRO B 101 57.08 33.78 -6.49
CA PRO B 101 56.46 34.74 -7.41
C PRO B 101 57.42 35.44 -8.36
N LYS B 102 56.86 36.19 -9.34
CA LYS B 102 57.60 36.95 -10.34
C LYS B 102 58.14 38.23 -9.71
N CYS B 103 59.44 38.46 -9.89
CA CYS B 103 60.14 39.65 -9.40
C CYS B 103 60.89 40.31 -10.56
N GLU B 104 60.58 41.58 -10.82
CA GLU B 104 61.20 42.35 -11.91
C GLU B 104 61.33 43.82 -11.52
N ASN B 105 62.51 44.41 -11.78
CA ASN B 105 62.88 45.81 -11.52
C ASN B 105 62.62 46.19 -10.05
N ASP B 106 63.09 45.32 -9.13
CA ASP B 106 62.99 45.41 -7.66
C ASP B 106 61.54 45.64 -7.17
N ARG B 107 60.61 44.82 -7.72
CA ARG B 107 59.19 44.84 -7.40
C ARG B 107 58.59 43.44 -7.64
N VAL B 108 57.99 42.85 -6.61
CA VAL B 108 57.38 41.51 -6.67
C VAL B 108 55.88 41.66 -6.97
N GLU B 109 55.36 40.81 -7.89
CA GLU B 109 53.96 40.81 -8.30
C GLU B 109 53.05 40.22 -7.21
N LEU B 110 52.10 41.04 -6.72
CA LEU B 110 51.12 40.62 -5.71
C LEU B 110 50.06 39.72 -6.37
N PRO B 111 49.57 38.64 -5.71
CA PRO B 111 48.56 37.79 -6.36
C PRO B 111 47.17 38.41 -6.32
N SER B 112 46.38 38.22 -7.41
CA SER B 112 45.02 38.76 -7.53
C SER B 112 44.07 38.08 -6.54
N ARG B 113 43.07 38.83 -6.05
CA ARG B 113 42.08 38.33 -5.10
C ARG B 113 41.20 37.22 -5.73
N THR B 114 41.02 37.25 -7.07
CA THR B 114 40.25 36.25 -7.83
C THR B 114 40.91 34.87 -7.74
N LEU B 115 42.26 34.84 -7.77
CA LEU B 115 43.08 33.63 -7.64
C LEU B 115 43.02 33.09 -6.21
N CYS B 116 42.87 34.01 -5.23
CA CYS B 116 42.80 33.71 -3.81
C CYS B 116 41.43 33.15 -3.42
N GLN B 117 40.33 33.88 -3.76
CA GLN B 117 38.95 33.54 -3.46
C GLN B 117 38.52 32.20 -4.09
N ALA B 118 39.22 31.78 -5.16
CA ALA B 118 38.97 30.52 -5.88
C ALA B 118 39.29 29.29 -5.01
N THR B 119 40.16 29.45 -3.99
CA THR B 119 40.57 28.35 -3.10
C THR B 119 39.65 28.22 -1.88
N ARG B 120 39.14 29.34 -1.33
CA ARG B 120 38.29 29.40 -0.13
C ARG B 120 37.21 28.30 -0.08
N GLY B 121 36.55 28.05 -1.21
CA GLY B 121 35.52 27.03 -1.34
C GLY B 121 36.06 25.60 -1.33
N PRO B 122 36.78 25.14 -2.39
CA PRO B 122 37.27 23.75 -2.40
C PRO B 122 38.29 23.42 -1.32
N CYS B 123 39.16 24.39 -0.93
CA CYS B 123 40.17 24.19 0.10
C CYS B 123 39.63 24.63 1.47
N ALA B 124 38.38 24.24 1.79
CA ALA B 124 37.74 24.51 3.07
C ALA B 124 38.35 23.60 4.14
N ILE B 125 38.87 22.44 3.69
CA ILE B 125 39.55 21.41 4.49
C ILE B 125 40.81 22.00 5.16
N VAL B 126 41.51 22.93 4.47
CA VAL B 126 42.73 23.59 4.94
C VAL B 126 42.40 24.43 6.20
N GLU B 127 41.30 25.22 6.18
CA GLU B 127 40.87 26.06 7.30
C GLU B 127 40.45 25.20 8.51
N ARG B 128 39.89 24.01 8.25
CA ARG B 128 39.44 23.06 9.26
C ARG B 128 40.62 22.33 9.92
N GLU B 129 41.47 21.67 9.11
CA GLU B 129 42.58 20.83 9.54
C GLU B 129 43.69 21.63 10.24
N ARG B 130 44.23 22.70 9.61
CA ARG B 130 45.32 23.49 10.18
C ARG B 130 44.96 24.96 10.41
N GLY B 131 44.15 25.53 9.53
CA GLY B 131 43.76 26.93 9.57
C GLY B 131 44.66 27.75 8.66
N TRP B 132 44.05 28.64 7.85
CA TRP B 132 44.78 29.49 6.90
C TRP B 132 45.72 30.48 7.61
N PRO B 133 47.02 30.54 7.21
CA PRO B 133 47.92 31.52 7.86
C PRO B 133 47.59 32.94 7.39
N ASP B 134 47.97 33.95 8.20
CA ASP B 134 47.72 35.38 7.96
C ASP B 134 48.12 35.84 6.53
N PHE B 135 49.23 35.31 5.98
CA PHE B 135 49.67 35.68 4.64
C PHE B 135 48.86 34.99 3.53
N LEU B 136 48.12 33.90 3.86
CA LEU B 136 47.30 33.17 2.87
C LEU B 136 45.79 33.41 3.09
N ARG B 137 45.43 34.61 3.59
CA ARG B 137 44.04 35.01 3.79
C ARG B 137 43.71 36.16 2.83
N CYS B 138 42.63 36.00 2.05
CA CYS B 138 42.21 36.93 0.99
C CYS B 138 41.69 38.26 1.56
N THR B 139 42.63 39.09 2.00
CA THR B 139 42.43 40.45 2.49
C THR B 139 42.76 41.40 1.32
N PRO B 140 42.19 42.63 1.20
CA PRO B 140 42.54 43.50 0.05
C PRO B 140 44.01 43.91 0.05
N ASP B 141 44.60 43.97 1.25
CA ASP B 141 45.99 44.33 1.54
C ASP B 141 46.99 43.44 0.78
N ARG B 142 46.99 42.14 1.09
CA ARG B 142 47.91 41.14 0.52
C ARG B 142 47.47 40.67 -0.87
N PHE B 143 46.15 40.63 -1.13
CA PHE B 143 45.61 40.19 -2.41
C PHE B 143 44.76 41.30 -3.05
N PRO B 144 45.38 42.15 -3.91
CA PRO B 144 44.61 43.24 -4.53
C PRO B 144 43.79 42.81 -5.73
N GLU B 145 42.79 43.62 -6.11
CA GLU B 145 41.87 43.37 -7.22
C GLU B 145 42.33 44.07 -8.50
N GLY B 146 42.01 43.44 -9.65
CA GLY B 146 42.35 43.93 -10.98
C GLY B 146 43.82 43.80 -11.28
N CYS B 147 44.42 42.64 -10.94
CA CYS B 147 45.84 42.38 -11.15
C CYS B 147 46.04 41.17 -12.06
N THR B 148 46.91 41.32 -13.08
CA THR B 148 47.23 40.27 -14.04
C THR B 148 48.47 39.52 -13.57
N ASN B 149 48.34 38.20 -13.34
CA ASN B 149 49.43 37.34 -12.86
C ASN B 149 50.10 36.55 -13.98
N GLU B 150 51.40 36.24 -13.78
CA GLU B 150 52.19 35.44 -14.72
C GLU B 150 51.87 33.96 -14.54
N VAL B 151 51.45 33.56 -13.31
CA VAL B 151 51.06 32.19 -12.95
C VAL B 151 49.73 31.83 -13.63
N GLN B 152 48.92 32.86 -13.99
CA GLN B 152 47.64 32.71 -14.68
C GLN B 152 47.86 32.12 -16.07
N ASN B 153 48.99 32.50 -16.72
CA ASN B 153 49.41 32.00 -18.03
C ASN B 153 49.87 30.54 -17.94
N ILE B 154 50.44 30.15 -16.78
CA ILE B 154 50.99 28.82 -16.52
C ILE B 154 49.84 27.81 -16.28
N LYS B 155 49.92 26.65 -16.96
CA LYS B 155 48.97 25.53 -16.87
C LYS B 155 49.61 24.38 -16.08
N PHE B 156 48.84 23.77 -15.15
CA PHE B 156 49.30 22.66 -14.31
C PHE B 156 48.58 21.37 -14.73
N ASN B 157 49.37 20.44 -15.30
CA ASN B 157 48.91 19.14 -15.85
C ASN B 157 48.32 18.23 -14.78
N SER B 158 48.91 18.21 -13.57
CA SER B 158 48.45 17.39 -12.45
C SER B 158 47.17 17.98 -11.84
N SER B 159 46.12 17.15 -11.68
CA SER B 159 44.85 17.59 -11.13
C SER B 159 44.26 16.57 -10.13
N GLY B 160 45.04 16.30 -9.08
CA GLY B 160 44.68 15.42 -7.97
C GLY B 160 44.57 13.92 -8.20
N GLN B 161 44.46 13.20 -7.06
CA GLN B 161 44.32 11.73 -6.95
C GLN B 161 43.54 11.40 -5.66
N CYS B 162 43.06 10.15 -5.51
CA CYS B 162 42.32 9.74 -4.31
C CYS B 162 43.00 8.54 -3.63
N GLU B 163 43.24 8.66 -2.30
CA GLU B 163 43.88 7.64 -1.48
C GLU B 163 42.88 6.64 -0.94
N VAL B 164 43.26 5.34 -1.00
CA VAL B 164 42.54 4.19 -0.46
C VAL B 164 42.35 4.43 1.08
N PRO B 165 41.12 4.33 1.63
CA PRO B 165 39.87 3.83 1.04
C PRO B 165 38.95 4.90 0.46
N LEU B 166 39.40 5.60 -0.59
CA LEU B 166 38.61 6.58 -1.32
C LEU B 166 38.77 6.33 -2.82
N VAL B 167 37.74 6.68 -3.60
CA VAL B 167 37.72 6.49 -5.05
C VAL B 167 37.40 7.83 -5.73
N ARG B 168 38.12 8.13 -6.82
CA ARG B 168 37.97 9.36 -7.60
C ARG B 168 36.62 9.34 -8.33
N THR B 169 35.77 10.33 -8.04
CA THR B 169 34.42 10.48 -8.62
C THR B 169 34.13 11.96 -8.90
N ASP B 170 33.35 12.23 -9.96
CA ASP B 170 32.97 13.61 -10.35
C ASP B 170 31.55 13.93 -9.88
N ASN B 171 30.81 12.92 -9.37
CA ASN B 171 29.46 13.08 -8.86
C ASN B 171 29.50 13.86 -7.53
N PRO B 172 28.83 15.04 -7.44
CA PRO B 172 28.89 15.82 -6.19
C PRO B 172 28.16 15.14 -5.02
N LYS B 173 27.10 14.37 -5.33
CA LYS B 173 26.29 13.64 -4.36
C LYS B 173 27.01 12.34 -3.89
N SER B 174 28.30 12.18 -4.26
CA SER B 174 29.12 11.02 -3.91
C SER B 174 30.36 11.37 -3.08
N TRP B 175 30.76 12.66 -3.08
CA TRP B 175 31.96 13.15 -2.38
C TRP B 175 31.85 13.07 -0.86
N TYR B 176 32.93 12.55 -0.23
CA TYR B 176 33.08 12.38 1.21
C TYR B 176 33.31 13.76 1.88
N GLU B 177 32.22 14.36 2.40
CA GLU B 177 32.10 15.67 3.06
C GLU B 177 32.94 16.78 2.35
N ASP B 178 33.93 17.40 3.03
CA ASP B 178 34.75 18.49 2.48
C ASP B 178 35.75 18.01 1.40
N VAL B 179 36.10 16.70 1.39
CA VAL B 179 37.05 16.10 0.43
C VAL B 179 36.34 15.96 -0.94
N GLU B 180 36.19 17.10 -1.64
CA GLU B 180 35.55 17.16 -2.95
C GLU B 180 36.44 16.50 -4.00
N GLY B 181 35.87 15.61 -4.80
CA GLY B 181 36.58 14.87 -5.83
C GLY B 181 36.80 13.41 -5.45
N CYS B 182 36.83 13.12 -4.14
CA CYS B 182 37.01 11.79 -3.60
C CYS B 182 35.74 11.32 -2.91
N GLY B 183 35.30 10.11 -3.25
CA GLY B 183 34.13 9.48 -2.66
C GLY B 183 34.53 8.24 -1.90
N ILE B 184 33.73 7.84 -0.89
CA ILE B 184 33.99 6.64 -0.09
C ILE B 184 33.79 5.39 -0.97
N GLN B 185 34.79 4.47 -0.97
CA GLN B 185 34.75 3.23 -1.76
C GLN B 185 33.60 2.31 -1.31
N CYS B 186 33.13 1.47 -2.23
CA CYS B 186 32.00 0.55 -2.04
C CYS B 186 32.25 -0.48 -0.94
N GLN B 187 33.44 -1.11 -0.93
CA GLN B 187 33.81 -2.11 0.09
C GLN B 187 34.07 -1.40 1.42
N ASN B 188 33.43 -1.89 2.51
CA ASN B 188 33.56 -1.34 3.86
C ASN B 188 35.05 -1.34 4.28
N PRO B 189 35.67 -0.14 4.52
CA PRO B 189 37.10 -0.11 4.86
C PRO B 189 37.45 -0.65 6.24
N LEU B 190 36.46 -0.77 7.15
CA LEU B 190 36.67 -1.27 8.51
C LEU B 190 36.82 -2.80 8.56
N PHE B 191 36.47 -3.50 7.46
CA PHE B 191 36.57 -4.95 7.38
C PHE B 191 37.42 -5.38 6.18
N THR B 192 38.26 -6.42 6.36
CA THR B 192 39.20 -6.93 5.35
C THR B 192 38.49 -7.72 4.24
N GLU B 193 39.20 -7.99 3.13
CA GLU B 193 38.76 -8.77 1.96
C GLU B 193 38.47 -10.22 2.37
N ALA B 194 39.28 -10.76 3.30
CA ALA B 194 39.15 -12.12 3.84
C ALA B 194 37.93 -12.24 4.76
N GLU B 195 37.63 -11.17 5.54
CA GLU B 195 36.49 -11.10 6.46
C GLU B 195 35.17 -11.04 5.71
N HIS B 196 35.14 -10.35 4.55
CA HIS B 196 33.98 -10.24 3.66
C HIS B 196 33.62 -11.63 3.13
N GLN B 197 34.64 -12.36 2.63
CA GLN B 197 34.56 -13.72 2.10
C GLN B 197 33.98 -14.69 3.16
N ASP B 198 34.37 -14.50 4.43
CA ASP B 198 33.95 -15.29 5.59
C ASP B 198 32.46 -15.07 5.91
N MET B 199 32.00 -13.79 5.91
CA MET B 199 30.60 -13.45 6.16
C MET B 199 29.72 -13.91 4.99
N HIS B 200 30.21 -13.74 3.74
CA HIS B 200 29.49 -14.15 2.54
C HIS B 200 29.34 -15.68 2.45
N SER B 201 30.30 -16.44 3.03
CA SER B 201 30.23 -17.90 3.08
C SER B 201 29.16 -18.36 4.08
N TYR B 202 28.97 -17.58 5.16
CA TYR B 202 27.98 -17.81 6.21
C TYR B 202 26.56 -17.56 5.67
N ILE B 203 26.37 -16.47 4.90
CA ILE B 203 25.10 -16.08 4.29
C ILE B 203 24.70 -17.09 3.20
N ALA B 204 25.65 -17.53 2.36
CA ALA B 204 25.41 -18.52 1.30
C ALA B 204 24.92 -19.85 1.87
N ALA B 205 25.61 -20.36 2.92
CA ALA B 205 25.29 -21.62 3.58
C ALA B 205 23.92 -21.57 4.27
N PHE B 206 23.66 -20.50 5.07
CA PHE B 206 22.39 -20.32 5.79
C PHE B 206 21.22 -20.02 4.84
N GLY B 207 21.49 -19.26 3.78
CA GLY B 207 20.50 -18.89 2.79
C GLY B 207 20.01 -20.07 1.97
N ALA B 208 20.95 -20.92 1.49
CA ALA B 208 20.65 -22.09 0.68
C ALA B 208 19.88 -23.16 1.46
N VAL B 209 20.28 -23.45 2.73
CA VAL B 209 19.60 -24.44 3.59
C VAL B 209 18.16 -23.97 3.85
N THR B 210 17.96 -22.69 4.22
CA THR B 210 16.65 -22.09 4.48
C THR B 210 15.83 -22.16 3.20
N GLY B 211 16.36 -21.60 2.11
CA GLY B 211 15.75 -21.57 0.77
C GLY B 211 15.19 -22.89 0.30
N LEU B 212 15.97 -23.98 0.48
CA LEU B 212 15.58 -25.33 0.08
C LEU B 212 14.56 -25.95 1.05
N CYS B 213 14.69 -25.66 2.37
CA CYS B 213 13.80 -26.17 3.42
C CYS B 213 12.41 -25.53 3.31
N THR B 214 12.37 -24.19 3.19
CA THR B 214 11.14 -23.41 3.12
C THR B 214 10.38 -23.72 1.81
N LEU B 215 11.09 -23.89 0.67
CA LEU B 215 10.48 -24.23 -0.63
C LEU B 215 9.81 -25.59 -0.57
N PHE B 216 10.47 -26.57 0.11
CA PHE B 216 9.97 -27.93 0.31
C PHE B 216 8.62 -27.90 1.04
N THR B 217 8.53 -27.05 2.09
CA THR B 217 7.32 -26.87 2.91
C THR B 217 6.20 -26.29 2.04
N LEU B 218 6.52 -25.26 1.22
CA LEU B 218 5.58 -24.61 0.30
C LEU B 218 5.08 -25.58 -0.76
N ALA B 219 5.99 -26.45 -1.28
CA ALA B 219 5.70 -27.47 -2.28
C ALA B 219 4.79 -28.57 -1.71
N THR B 220 4.94 -28.87 -0.40
CA THR B 220 4.14 -29.88 0.31
C THR B 220 2.71 -29.32 0.54
N PHE B 221 2.63 -28.01 0.88
CA PHE B 221 1.37 -27.32 1.13
C PHE B 221 0.53 -27.15 -0.14
N VAL B 222 1.15 -26.79 -1.29
CA VAL B 222 0.44 -26.61 -2.57
C VAL B 222 -0.05 -27.99 -3.10
N ALA B 223 0.69 -29.08 -2.80
CA ALA B 223 0.38 -30.45 -3.21
C ALA B 223 -0.95 -30.95 -2.61
N ASP B 224 -1.22 -30.58 -1.35
CA ASP B 224 -2.42 -30.96 -0.62
C ASP B 224 -3.23 -29.69 -0.26
N TRP B 225 -3.25 -28.70 -1.18
CA TRP B 225 -3.92 -27.40 -1.02
C TRP B 225 -5.40 -27.49 -0.57
N ARG B 226 -6.12 -28.57 -0.94
CA ARG B 226 -7.52 -28.74 -0.54
C ARG B 226 -7.67 -28.84 0.98
N ASN B 227 -6.75 -29.58 1.65
CA ASN B 227 -6.73 -29.75 3.10
C ASN B 227 -5.80 -28.74 3.79
N SER B 228 -4.73 -28.33 3.10
CA SER B 228 -3.69 -27.40 3.58
C SER B 228 -4.18 -25.98 3.81
N ASN B 229 -5.09 -25.45 2.93
CA ASN B 229 -5.62 -24.09 3.09
C ASN B 229 -6.71 -24.12 4.19
N ARG B 230 -6.26 -24.31 5.45
CA ARG B 230 -7.07 -24.41 6.66
C ARG B 230 -6.25 -23.97 7.88
N TYR B 231 -6.90 -23.28 8.82
CA TYR B 231 -6.28 -22.80 10.05
C TYR B 231 -6.06 -23.97 11.03
N PRO B 232 -4.92 -24.02 11.77
CA PRO B 232 -3.81 -23.04 11.82
C PRO B 232 -2.66 -23.32 10.84
N ALA B 233 -2.73 -24.43 10.09
CA ALA B 233 -1.72 -24.88 9.12
C ALA B 233 -1.45 -23.85 8.03
N VAL B 234 -2.50 -23.15 7.56
CA VAL B 234 -2.43 -22.14 6.50
C VAL B 234 -1.53 -20.93 6.93
N ILE B 235 -1.48 -20.61 8.25
CA ILE B 235 -0.64 -19.52 8.78
C ILE B 235 0.82 -19.82 8.50
N LEU B 236 1.25 -21.06 8.81
CA LEU B 236 2.61 -21.58 8.62
C LEU B 236 3.05 -21.50 7.16
N PHE B 237 2.11 -21.71 6.21
CA PHE B 237 2.38 -21.65 4.77
C PHE B 237 2.88 -20.26 4.36
N TYR B 238 2.17 -19.19 4.80
CA TYR B 238 2.55 -17.81 4.49
C TYR B 238 3.79 -17.38 5.27
N VAL B 239 4.03 -17.98 6.46
CA VAL B 239 5.22 -17.74 7.29
C VAL B 239 6.45 -18.17 6.46
N ASN B 240 6.41 -19.42 5.95
CA ASN B 240 7.44 -20.01 5.11
C ASN B 240 7.62 -19.19 3.82
N ALA B 241 6.50 -18.74 3.20
CA ALA B 241 6.51 -17.91 1.99
C ALA B 241 7.30 -16.62 2.21
N CYS B 242 7.18 -16.01 3.42
CA CYS B 242 7.90 -14.81 3.79
C CYS B 242 9.39 -15.11 3.94
N PHE B 243 9.74 -16.28 4.53
CA PHE B 243 11.14 -16.69 4.69
C PHE B 243 11.76 -17.15 3.36
N PHE B 244 10.94 -17.55 2.37
CA PHE B 244 11.40 -17.96 1.05
C PHE B 244 11.80 -16.73 0.25
N VAL B 245 10.93 -15.69 0.22
CA VAL B 245 11.15 -14.42 -0.48
C VAL B 245 12.39 -13.73 0.13
N GLY B 246 12.49 -13.77 1.46
CA GLY B 246 13.62 -13.23 2.21
C GLY B 246 14.93 -13.88 1.82
N SER B 247 14.89 -15.22 1.60
CA SER B 247 16.05 -16.01 1.16
C SER B 247 16.49 -15.59 -0.24
N ILE B 248 15.52 -15.32 -1.17
CA ILE B 248 15.81 -14.88 -2.55
C ILE B 248 16.59 -13.56 -2.51
N GLY B 249 16.11 -12.61 -1.71
CA GLY B 249 16.72 -11.30 -1.53
C GLY B 249 18.12 -11.33 -0.93
N TRP B 250 18.31 -12.21 0.07
CA TRP B 250 19.59 -12.40 0.74
C TRP B 250 20.59 -13.15 -0.16
N LEU B 251 20.10 -14.11 -0.97
CA LEU B 251 20.93 -14.91 -1.87
C LEU B 251 21.15 -14.25 -3.25
N ALA B 252 20.47 -13.11 -3.51
CA ALA B 252 20.54 -12.36 -4.76
C ALA B 252 21.97 -11.91 -5.10
N GLN B 253 22.75 -11.53 -4.06
CA GLN B 253 24.14 -11.07 -4.14
C GLN B 253 25.13 -12.12 -4.70
N PHE B 254 24.75 -13.42 -4.68
CA PHE B 254 25.62 -14.51 -5.12
C PHE B 254 25.63 -14.73 -6.65
N MET B 255 24.87 -13.93 -7.42
CA MET B 255 24.92 -13.99 -8.88
C MET B 255 26.21 -13.27 -9.31
N ASP B 256 26.76 -13.60 -10.50
CA ASP B 256 28.02 -13.00 -10.94
C ASP B 256 27.89 -11.47 -11.11
N GLY B 257 28.65 -10.76 -10.28
CA GLY B 257 28.70 -9.30 -10.24
C GLY B 257 27.43 -8.62 -9.73
N ALA B 258 26.60 -9.36 -8.96
CA ALA B 258 25.35 -8.83 -8.41
C ALA B 258 25.61 -7.99 -7.16
N ARG B 259 26.53 -8.43 -6.28
CA ARG B 259 26.89 -7.73 -5.05
C ARG B 259 27.42 -6.33 -5.34
N ARG B 260 28.20 -6.18 -6.43
CA ARG B 260 28.77 -4.89 -6.85
C ARG B 260 27.84 -4.17 -7.86
N GLU B 261 26.54 -4.51 -7.81
CA GLU B 261 25.45 -3.93 -8.61
C GLU B 261 24.34 -3.49 -7.65
N ILE B 262 24.13 -4.28 -6.57
CA ILE B 262 23.14 -4.02 -5.52
C ILE B 262 23.70 -2.98 -4.52
N VAL B 263 24.91 -3.23 -3.98
CA VAL B 263 25.56 -2.41 -2.96
C VAL B 263 26.36 -1.23 -3.58
N CYS B 264 26.84 -1.37 -4.83
CA CYS B 264 27.65 -0.31 -5.44
C CYS B 264 26.85 0.63 -6.35
N ARG B 265 27.32 1.89 -6.41
CA ARG B 265 26.78 2.95 -7.27
C ARG B 265 27.44 2.84 -8.65
N ALA B 266 26.99 3.67 -9.62
CA ALA B 266 27.51 3.68 -10.98
C ALA B 266 28.97 4.15 -11.05
N ASP B 267 29.35 5.12 -10.21
CA ASP B 267 30.71 5.68 -10.15
C ASP B 267 31.71 4.80 -9.38
N GLY B 268 31.19 3.85 -8.60
CA GLY B 268 32.00 2.93 -7.81
C GLY B 268 31.97 3.19 -6.31
N THR B 269 31.34 4.31 -5.90
CA THR B 269 31.20 4.72 -4.51
C THR B 269 30.14 3.88 -3.80
N MET B 270 30.15 3.88 -2.44
CA MET B 270 29.20 3.18 -1.59
C MET B 270 27.79 3.77 -1.79
N ARG B 271 26.77 2.90 -1.93
CA ARG B 271 25.40 3.35 -2.15
C ARG B 271 24.77 3.85 -0.86
N LEU B 272 24.18 5.07 -0.93
CA LEU B 272 23.57 5.76 0.21
C LEU B 272 22.40 6.64 -0.23
N GLY B 273 21.43 6.83 0.68
CA GLY B 273 20.24 7.66 0.51
C GLY B 273 19.32 7.28 -0.63
N GLU B 274 19.31 5.99 -1.02
CA GLU B 274 18.47 5.46 -2.11
C GLU B 274 16.98 5.45 -1.70
N PRO B 275 16.01 5.67 -2.62
CA PRO B 275 16.15 5.86 -4.08
C PRO B 275 16.76 7.22 -4.46
N THR B 276 17.91 7.18 -5.16
CA THR B 276 18.63 8.36 -5.63
C THR B 276 18.47 8.50 -7.14
N SER B 277 18.55 9.75 -7.63
CA SER B 277 18.43 10.11 -9.04
C SER B 277 19.62 9.59 -9.87
N ASN B 278 19.32 9.17 -11.12
CA ASN B 278 20.25 8.68 -12.15
C ASN B 278 21.07 7.46 -11.68
N GLU B 279 20.39 6.50 -11.02
CA GLU B 279 20.98 5.26 -10.51
C GLU B 279 20.00 4.10 -10.66
N THR B 280 20.51 2.87 -10.86
CA THR B 280 19.69 1.65 -11.01
C THR B 280 18.89 1.35 -9.76
N LEU B 281 17.61 0.96 -9.95
CA LEU B 281 16.65 0.63 -8.88
C LEU B 281 17.07 -0.62 -8.08
N SER B 282 17.96 -1.46 -8.66
CA SER B 282 18.54 -2.71 -8.12
C SER B 282 18.68 -2.76 -6.59
N CYS B 283 19.12 -1.66 -5.96
CA CYS B 283 19.31 -1.56 -4.51
C CYS B 283 17.96 -1.61 -3.77
N VAL B 284 17.03 -0.67 -4.10
CA VAL B 284 15.72 -0.60 -3.44
C VAL B 284 14.86 -1.84 -3.77
N ILE B 285 15.17 -2.55 -4.89
CA ILE B 285 14.49 -3.79 -5.29
C ILE B 285 14.80 -4.86 -4.23
N ILE B 286 16.09 -5.08 -3.95
CA ILE B 286 16.59 -6.05 -2.99
C ILE B 286 16.16 -5.62 -1.56
N PHE B 287 16.13 -4.29 -1.28
CA PHE B 287 15.68 -3.81 0.04
C PHE B 287 14.21 -4.18 0.28
N VAL B 288 13.32 -3.89 -0.70
CA VAL B 288 11.88 -4.16 -0.63
C VAL B 288 11.67 -5.67 -0.41
N ILE B 289 12.35 -6.52 -1.20
CA ILE B 289 12.27 -7.97 -1.10
C ILE B 289 12.69 -8.44 0.31
N VAL B 290 13.79 -7.91 0.86
CA VAL B 290 14.29 -8.32 2.19
C VAL B 290 13.41 -7.76 3.33
N TYR B 291 13.34 -6.41 3.50
CA TYR B 291 12.59 -5.73 4.58
C TYR B 291 11.10 -6.09 4.63
N TYR B 292 10.39 -6.11 3.48
CA TYR B 292 8.96 -6.42 3.44
C TYR B 292 8.70 -7.85 3.90
N ALA B 293 9.46 -8.83 3.38
CA ALA B 293 9.36 -10.26 3.73
C ALA B 293 9.77 -10.50 5.19
N LEU B 294 10.62 -9.62 5.74
CA LEU B 294 11.05 -9.66 7.13
C LEU B 294 9.90 -9.24 8.04
N MET B 295 9.35 -8.04 7.79
CA MET B 295 8.26 -7.46 8.58
C MET B 295 6.97 -8.27 8.46
N ALA B 296 6.57 -8.69 7.24
CA ALA B 296 5.38 -9.52 7.01
C ALA B 296 5.50 -10.86 7.75
N GLY B 297 6.74 -11.34 7.92
CA GLY B 297 7.06 -12.56 8.65
C GLY B 297 6.76 -12.44 10.12
N PHE B 298 6.94 -11.23 10.68
CA PHE B 298 6.66 -10.93 12.08
C PHE B 298 5.16 -10.71 12.32
N VAL B 299 4.44 -10.11 11.33
CA VAL B 299 2.98 -9.89 11.44
C VAL B 299 2.29 -11.26 11.38
N TRP B 300 2.81 -12.19 10.55
CA TRP B 300 2.29 -13.56 10.44
C TRP B 300 2.62 -14.35 11.70
N PHE B 301 3.67 -13.94 12.45
CA PHE B 301 4.05 -14.56 13.72
C PHE B 301 3.01 -14.18 14.79
N VAL B 302 2.60 -12.90 14.80
CA VAL B 302 1.60 -12.33 15.72
C VAL B 302 0.24 -13.03 15.46
N VAL B 303 -0.07 -13.32 14.17
CA VAL B 303 -1.27 -14.03 13.74
C VAL B 303 -1.26 -15.45 14.33
N LEU B 304 -0.09 -16.13 14.25
CA LEU B 304 0.13 -17.47 14.78
C LEU B 304 -0.11 -17.51 16.29
N THR B 305 0.40 -16.50 17.04
CA THR B 305 0.25 -16.41 18.49
C THR B 305 -1.20 -16.08 18.87
N TYR B 306 -1.91 -15.28 18.04
CA TYR B 306 -3.33 -14.95 18.27
C TYR B 306 -4.20 -16.17 18.03
N ALA B 307 -3.80 -17.03 17.06
CA ALA B 307 -4.48 -18.28 16.71
C ALA B 307 -4.38 -19.28 17.86
N TRP B 308 -3.25 -19.27 18.59
CA TRP B 308 -3.01 -20.13 19.74
C TRP B 308 -3.81 -19.63 20.96
N HIS B 309 -4.17 -18.33 20.98
CA HIS B 309 -4.97 -17.76 22.05
C HIS B 309 -6.43 -18.13 21.88
N THR B 310 -6.95 -17.95 20.63
CA THR B 310 -8.34 -18.22 20.25
C THR B 310 -8.66 -19.72 20.15
N SER B 311 -7.62 -20.59 20.10
CA SER B 311 -7.79 -22.05 20.02
C SER B 311 -8.46 -22.64 21.27
N PHE B 312 -8.26 -21.98 22.43
CA PHE B 312 -8.84 -22.34 23.73
C PHE B 312 -10.26 -21.78 23.89
N LYS B 313 -10.82 -21.14 22.84
CA LYS B 313 -12.20 -20.63 22.93
C LYS B 313 -13.20 -21.77 22.65
N ALA B 314 -12.68 -22.90 22.09
CA ALA B 314 -13.43 -24.12 21.77
C ALA B 314 -13.93 -24.82 23.03
N LEU B 315 -13.21 -24.63 24.15
CA LEU B 315 -13.52 -25.20 25.47
C LEU B 315 -14.81 -24.58 26.02
N GLY B 316 -14.90 -23.25 25.97
CA GLY B 316 -16.06 -22.49 26.43
C GLY B 316 -17.20 -22.47 25.42
N THR B 317 -18.32 -21.84 25.79
CA THR B 317 -19.52 -21.72 24.94
C THR B 317 -19.25 -20.75 23.77
N THR B 318 -18.60 -19.60 24.05
CA THR B 318 -18.27 -18.58 23.05
C THR B 318 -17.08 -19.06 22.21
N TYR B 319 -17.32 -19.33 20.91
CA TYR B 319 -16.29 -19.80 19.99
C TYR B 319 -16.31 -19.01 18.69
N GLN B 320 -15.10 -18.72 18.17
CA GLN B 320 -14.87 -18.01 16.91
C GLN B 320 -14.19 -18.97 15.91
N PRO B 321 -14.59 -18.96 14.61
CA PRO B 321 -14.04 -19.95 13.68
C PRO B 321 -12.69 -19.63 13.02
N LEU B 322 -12.15 -18.39 13.19
CA LEU B 322 -10.89 -17.90 12.55
C LEU B 322 -11.04 -17.76 11.02
N SER B 323 -12.05 -18.43 10.42
CA SER B 323 -12.30 -18.43 8.98
C SER B 323 -12.93 -17.12 8.51
N GLY B 324 -13.77 -16.52 9.36
CA GLY B 324 -14.41 -15.23 9.08
C GLY B 324 -13.51 -14.05 9.37
N LYS B 325 -12.31 -14.34 9.94
CA LYS B 325 -11.27 -13.37 10.31
C LYS B 325 -10.08 -13.40 9.32
N THR B 326 -10.16 -14.26 8.28
CA THR B 326 -9.15 -14.44 7.22
C THR B 326 -8.84 -13.10 6.55
N SER B 327 -9.90 -12.31 6.25
CA SER B 327 -9.84 -10.98 5.64
C SER B 327 -9.04 -10.02 6.53
N TYR B 328 -9.26 -10.07 7.86
CA TYR B 328 -8.55 -9.24 8.83
C TYR B 328 -7.09 -9.68 8.95
N PHE B 329 -6.83 -11.01 8.81
CA PHE B 329 -5.48 -11.58 8.88
C PHE B 329 -4.63 -11.17 7.68
N HIS B 330 -5.17 -11.27 6.46
CA HIS B 330 -4.47 -10.94 5.23
C HIS B 330 -4.29 -9.43 5.03
N LEU B 331 -5.15 -8.59 5.64
CA LEU B 331 -5.03 -7.13 5.52
C LEU B 331 -3.80 -6.63 6.27
N LEU B 332 -3.74 -6.84 7.59
CA LEU B 332 -2.65 -6.38 8.46
C LEU B 332 -1.27 -7.00 8.13
N THR B 333 -1.24 -8.26 7.61
CA THR B 333 0.02 -8.93 7.27
C THR B 333 0.67 -8.40 5.98
N TRP B 334 -0.13 -7.77 5.09
CA TRP B 334 0.42 -7.27 3.83
C TRP B 334 0.32 -5.73 3.70
N SER B 335 -0.55 -5.05 4.49
CA SER B 335 -0.70 -3.59 4.43
C SER B 335 0.30 -2.87 5.32
N LEU B 336 0.40 -3.28 6.61
CA LEU B 336 1.32 -2.69 7.58
C LEU B 336 2.78 -2.72 7.09
N PRO B 337 3.34 -3.85 6.55
CA PRO B 337 4.72 -3.82 6.07
C PRO B 337 4.87 -2.93 4.83
N PHE B 338 3.82 -2.85 3.98
CA PHE B 338 3.78 -2.02 2.77
C PHE B 338 3.94 -0.54 3.13
N VAL B 339 3.17 -0.09 4.15
CA VAL B 339 3.17 1.29 4.65
C VAL B 339 4.58 1.67 5.15
N LEU B 340 5.20 0.81 5.98
CA LEU B 340 6.55 1.01 6.54
C LEU B 340 7.62 1.04 5.45
N THR B 341 7.48 0.20 4.39
CA THR B 341 8.42 0.11 3.26
C THR B 341 8.30 1.37 2.40
N VAL B 342 7.06 1.80 2.07
CA VAL B 342 6.77 3.01 1.27
C VAL B 342 7.34 4.24 2.02
N ALA B 343 7.21 4.25 3.37
CA ALA B 343 7.72 5.30 4.26
C ALA B 343 9.24 5.44 4.17
N ILE B 344 9.98 4.30 4.17
CA ILE B 344 11.44 4.28 4.08
C ILE B 344 11.87 4.81 2.70
N LEU B 345 11.17 4.40 1.63
CA LEU B 345 11.44 4.84 0.26
C LEU B 345 11.15 6.34 0.10
N ALA B 346 10.13 6.86 0.82
CA ALA B 346 9.75 8.28 0.79
C ALA B 346 10.83 9.16 1.46
N VAL B 347 11.34 8.74 2.64
CA VAL B 347 12.37 9.46 3.39
C VAL B 347 13.77 9.18 2.77
N ALA B 348 13.85 8.18 1.84
CA ALA B 348 15.03 7.72 1.12
C ALA B 348 16.21 7.42 2.07
N GLN B 349 16.06 6.37 2.89
CA GLN B 349 17.06 5.95 3.87
C GLN B 349 17.59 4.54 3.57
N VAL B 350 17.52 4.11 2.29
CA VAL B 350 18.02 2.81 1.86
C VAL B 350 19.51 2.97 1.56
N ASP B 351 20.34 2.23 2.30
CA ASP B 351 21.80 2.21 2.17
C ASP B 351 22.25 0.77 1.95
N GLY B 352 23.45 0.60 1.40
CA GLY B 352 24.00 -0.73 1.13
C GLY B 352 25.33 -1.01 1.81
N ASP B 353 25.46 -2.21 2.40
CA ASP B 353 26.69 -2.65 3.05
C ASP B 353 27.28 -3.85 2.31
N SER B 354 28.58 -3.75 1.97
CA SER B 354 29.33 -4.77 1.22
C SER B 354 29.45 -6.09 2.00
N VAL B 355 29.47 -6.01 3.34
CA VAL B 355 29.57 -7.17 4.23
C VAL B 355 28.27 -8.01 4.16
N SER B 356 27.10 -7.35 4.32
CA SER B 356 25.79 -7.99 4.25
C SER B 356 25.45 -8.40 2.81
N GLY B 357 25.95 -7.62 1.85
CA GLY B 357 25.72 -7.84 0.43
C GLY B 357 24.32 -7.49 -0.02
N ILE B 358 23.53 -6.82 0.85
CA ILE B 358 22.16 -6.39 0.58
C ILE B 358 21.95 -4.93 0.97
N CYS B 359 20.86 -4.34 0.49
CA CYS B 359 20.45 -2.98 0.81
C CYS B 359 19.45 -3.05 1.96
N PHE B 360 19.56 -2.09 2.91
CA PHE B 360 18.71 -2.06 4.10
C PHE B 360 18.48 -0.62 4.56
N VAL B 361 17.60 -0.44 5.57
CA VAL B 361 17.24 0.85 6.14
C VAL B 361 18.19 1.19 7.30
N GLY B 362 18.71 2.42 7.26
CA GLY B 362 19.58 3.00 8.29
C GLY B 362 20.95 2.40 8.53
N TYR B 363 21.72 2.14 7.46
CA TYR B 363 23.09 1.64 7.61
C TYR B 363 24.02 2.81 7.98
N LYS B 364 23.69 4.01 7.50
CA LYS B 364 24.41 5.26 7.76
C LYS B 364 23.79 5.96 8.97
N ASN B 365 22.50 6.37 8.86
CA ASN B 365 21.77 7.05 9.93
C ASN B 365 20.92 6.02 10.70
N TYR B 366 21.49 5.51 11.79
CA TYR B 366 20.94 4.48 12.68
C TYR B 366 19.59 4.84 13.32
N ARG B 367 19.28 6.15 13.45
CA ARG B 367 18.02 6.63 14.02
C ARG B 367 16.83 6.08 13.21
N TYR B 368 16.97 6.11 11.87
CA TYR B 368 15.98 5.61 10.91
C TYR B 368 15.95 4.07 10.94
N ARG B 369 17.05 3.41 11.34
CA ARG B 369 17.10 1.96 11.47
C ARG B 369 16.29 1.53 12.69
N ALA B 370 16.51 2.19 13.85
CA ALA B 370 15.81 1.88 15.10
C ALA B 370 14.29 2.10 14.97
N GLY B 371 13.90 3.23 14.40
CA GLY B 371 12.50 3.60 14.20
C GLY B 371 11.72 2.76 13.22
N PHE B 372 12.42 1.96 12.39
CA PHE B 372 11.80 1.11 11.37
C PHE B 372 12.14 -0.39 11.53
N VAL B 373 13.08 -0.74 12.43
CA VAL B 373 13.48 -2.13 12.64
C VAL B 373 13.23 -2.49 14.12
N LEU B 374 13.83 -1.74 15.07
CA LEU B 374 13.67 -2.00 16.51
C LEU B 374 12.26 -1.67 16.99
N ALA B 375 11.62 -0.63 16.41
CA ALA B 375 10.25 -0.23 16.77
C ALA B 375 9.23 -1.33 16.42
N PRO B 376 9.11 -1.86 15.17
CA PRO B 376 8.15 -2.94 14.92
C PRO B 376 8.52 -4.27 15.59
N ILE B 377 9.84 -4.61 15.66
CA ILE B 377 10.30 -5.86 16.31
C ILE B 377 10.06 -5.75 17.84
N GLY B 378 10.06 -4.53 18.35
CA GLY B 378 9.76 -4.26 19.76
C GLY B 378 8.30 -4.52 20.05
N LEU B 379 7.42 -4.10 19.13
CA LEU B 379 5.97 -4.25 19.22
C LEU B 379 5.54 -5.73 19.11
N VAL B 380 6.16 -6.51 18.21
CA VAL B 380 5.81 -7.93 18.02
C VAL B 380 6.18 -8.76 19.26
N LEU B 381 7.19 -8.32 20.04
CA LEU B 381 7.58 -8.98 21.29
C LEU B 381 6.56 -8.68 22.40
N ILE B 382 5.95 -7.47 22.35
CA ILE B 382 4.93 -7.02 23.31
C ILE B 382 3.58 -7.68 22.98
N VAL B 383 3.10 -7.54 21.72
CA VAL B 383 1.81 -8.07 21.27
C VAL B 383 1.84 -9.60 21.18
N GLY B 384 2.80 -10.15 20.41
CA GLY B 384 2.96 -11.59 20.22
C GLY B 384 3.23 -12.35 21.50
N GLY B 385 4.07 -11.75 22.35
CA GLY B 385 4.44 -12.30 23.66
C GLY B 385 3.25 -12.39 24.60
N TYR B 386 2.39 -11.35 24.59
CA TYR B 386 1.17 -11.23 25.40
C TYR B 386 0.21 -12.40 25.11
N PHE B 387 0.10 -12.81 23.82
CA PHE B 387 -0.76 -13.92 23.42
C PHE B 387 -0.18 -15.26 23.84
N LEU B 388 1.17 -15.36 23.91
CA LEU B 388 1.86 -16.57 24.36
C LEU B 388 1.75 -16.71 25.88
N ILE B 389 1.71 -15.58 26.62
CA ILE B 389 1.57 -15.50 28.08
C ILE B 389 0.13 -15.89 28.46
N ARG B 390 -0.88 -15.27 27.81
CA ARG B 390 -2.30 -15.55 28.07
C ARG B 390 -2.69 -16.95 27.55
N GLY B 391 -1.90 -17.48 26.61
CA GLY B 391 -2.09 -18.80 26.03
C GLY B 391 -1.75 -19.90 27.01
N VAL B 392 -0.58 -19.80 27.68
CA VAL B 392 -0.16 -20.77 28.70
C VAL B 392 -1.00 -20.57 29.97
N MET B 393 -1.46 -19.31 30.22
CA MET B 393 -2.32 -18.93 31.34
C MET B 393 -3.60 -19.76 31.34
N THR B 394 -4.25 -19.89 30.16
CA THR B 394 -5.49 -20.64 29.98
C THR B 394 -5.21 -22.16 29.99
N LEU B 395 -4.05 -22.57 29.42
CA LEU B 395 -3.62 -23.98 29.35
C LEU B 395 -3.42 -24.57 30.76
N PHE B 396 -2.71 -23.85 31.65
CA PHE B 396 -2.42 -24.30 33.00
C PHE B 396 -3.58 -24.02 33.96
N SER B 397 -4.51 -23.08 33.62
CA SER B 397 -5.69 -22.77 34.45
C SER B 397 -6.70 -23.90 34.38
N ALA B 398 -7.00 -24.40 33.16
CA ALA B 398 -7.92 -25.50 32.90
C ALA B 398 -7.32 -26.83 33.38
N ARG B 399 -5.99 -26.95 33.32
CA ARG B 399 -5.23 -28.12 33.78
C ARG B 399 -5.27 -28.22 35.32
N ARG B 400 -5.24 -27.05 36.00
CA ARG B 400 -5.27 -26.92 37.46
C ARG B 400 -6.65 -27.27 38.00
N GLN B 401 -7.74 -26.86 37.29
CA GLN B 401 -9.13 -27.11 37.66
C GLN B 401 -9.41 -28.60 37.83
N LEU B 402 -8.93 -29.41 36.85
CA LEU B 402 -9.05 -30.86 36.83
C LEU B 402 -8.19 -31.47 37.93
N ALA B 403 -6.92 -31.02 38.04
CA ALA B 403 -5.96 -31.50 39.04
C ALA B 403 -6.45 -31.28 40.47
N ASP B 404 -7.14 -30.15 40.73
CA ASP B 404 -7.67 -29.84 42.06
C ASP B 404 -8.91 -30.65 42.36
N LEU B 405 -9.86 -30.75 41.41
CA LEU B 405 -11.10 -31.49 41.57
C LEU B 405 -10.88 -33.00 41.62
N GLU B 406 -9.88 -33.52 40.91
CA GLU B 406 -9.56 -34.95 40.92
C GLU B 406 -8.79 -35.31 42.19
N ASP B 407 -8.08 -34.32 42.77
CA ASP B 407 -7.34 -34.45 44.03
C ASP B 407 -8.33 -34.57 45.19
N ASN B 408 -9.43 -33.79 45.12
CA ASN B 408 -10.49 -33.80 46.14
C ASN B 408 -11.38 -35.03 45.95
N TRP B 409 -11.49 -35.55 44.72
CA TRP B 409 -12.27 -36.75 44.40
C TRP B 409 -11.65 -37.97 45.06
N GLU B 410 -10.31 -38.07 45.04
CA GLU B 410 -9.56 -39.17 45.63
C GLU B 410 -9.60 -39.08 47.17
N THR B 411 -9.53 -37.85 47.75
CA THR B 411 -9.59 -37.64 49.21
C THR B 411 -10.93 -38.14 49.75
N LEU B 412 -12.03 -37.90 49.00
CA LEU B 412 -13.38 -38.35 49.36
C LEU B 412 -13.49 -39.87 49.26
N ASN B 413 -12.99 -40.46 48.15
CA ASN B 413 -13.00 -41.90 47.86
C ASN B 413 -12.19 -42.70 48.89
N ASP B 414 -10.97 -42.23 49.23
CA ASP B 414 -10.08 -42.88 50.19
C ASP B 414 -10.59 -42.78 51.64
N ASN B 415 -11.15 -41.62 52.04
CA ASN B 415 -11.70 -41.42 53.38
C ASN B 415 -12.99 -42.23 53.60
N LEU B 416 -13.73 -42.54 52.51
CA LEU B 416 -14.94 -43.37 52.59
C LEU B 416 -14.54 -44.81 52.87
N LYS B 417 -13.40 -45.26 52.32
CA LYS B 417 -12.82 -46.58 52.52
C LYS B 417 -12.26 -46.69 53.96
N VAL B 418 -11.88 -45.54 54.57
CA VAL B 418 -11.38 -45.44 55.95
C VAL B 418 -12.56 -45.66 56.92
N ILE B 419 -13.75 -45.07 56.64
CA ILE B 419 -14.97 -45.22 57.45
C ILE B 419 -15.41 -46.71 57.42
N GLU B 420 -15.32 -47.35 56.23
CA GLU B 420 -15.63 -48.76 56.00
C GLU B 420 -14.73 -49.67 56.87
N LYS B 421 -13.44 -49.28 57.05
CA LYS B 421 -12.43 -49.96 57.86
C LYS B 421 -12.55 -49.63 59.36
N ALA B 422 -11.76 -50.36 60.21
CA ALA B 422 -11.67 -50.24 61.68
C ALA B 422 -13.02 -50.50 62.40
N ASP B 423 -13.08 -50.19 63.72
CA ASP B 423 -14.25 -50.39 64.58
C ASP B 423 -14.51 -49.14 65.47
N ASN B 424 -13.51 -48.26 65.58
CA ASN B 424 -13.54 -47.05 66.43
C ASN B 424 -14.49 -45.98 65.91
N ALA B 425 -15.28 -45.38 66.83
CA ALA B 425 -16.22 -44.28 66.56
C ALA B 425 -15.45 -42.99 66.34
N ALA B 426 -14.30 -42.84 67.04
CA ALA B 426 -13.38 -41.69 66.95
C ALA B 426 -12.70 -41.67 65.58
N GLN B 427 -12.46 -42.85 64.97
CA GLN B 427 -11.85 -43.03 63.65
C GLN B 427 -12.82 -42.53 62.57
N VAL B 428 -14.13 -42.87 62.71
CA VAL B 428 -15.22 -42.48 61.80
C VAL B 428 -15.37 -40.95 61.88
N LYS B 429 -15.32 -40.37 63.10
CA LYS B 429 -15.42 -38.94 63.37
C LYS B 429 -14.24 -38.18 62.73
N ASP B 430 -13.04 -38.79 62.73
CA ASP B 430 -11.81 -38.24 62.17
C ASP B 430 -11.87 -38.19 60.63
N ALA B 431 -12.34 -39.28 59.99
CA ALA B 431 -12.43 -39.39 58.54
C ALA B 431 -13.54 -38.49 57.95
N LEU B 432 -14.62 -38.25 58.73
CA LEU B 432 -15.73 -37.39 58.29
C LEU B 432 -15.32 -35.91 58.32
N THR B 433 -14.52 -35.50 59.33
CA THR B 433 -14.01 -34.13 59.49
C THR B 433 -13.01 -33.81 58.37
N LYS B 434 -12.26 -34.82 57.89
CA LYS B 434 -11.30 -34.70 56.79
C LYS B 434 -12.07 -34.56 55.46
N MET B 435 -13.20 -35.29 55.34
CA MET B 435 -14.11 -35.27 54.18
C MET B 435 -14.84 -33.94 54.08
N ARG B 436 -15.10 -33.31 55.26
CA ARG B 436 -15.76 -32.01 55.43
C ARG B 436 -14.89 -30.88 54.87
N ALA B 437 -13.60 -30.86 55.26
CA ALA B 437 -12.61 -29.85 54.84
C ALA B 437 -12.33 -29.94 53.33
N ALA B 438 -12.27 -31.17 52.79
CA ALA B 438 -12.05 -31.45 51.37
C ALA B 438 -13.24 -31.00 50.52
N ALA B 439 -14.46 -31.07 51.08
CA ALA B 439 -15.69 -30.65 50.41
C ALA B 439 -15.77 -29.13 50.29
N LEU B 440 -15.31 -28.40 51.34
CA LEU B 440 -15.29 -26.94 51.36
C LEU B 440 -14.19 -26.38 50.47
N ASP B 441 -13.06 -27.11 50.35
CA ASP B 441 -11.93 -26.71 49.51
C ASP B 441 -12.27 -26.88 48.02
N ALA B 442 -13.02 -27.96 47.68
CA ALA B 442 -13.47 -28.24 46.32
C ALA B 442 -14.62 -27.29 45.92
N GLN B 443 -15.36 -26.78 46.93
CA GLN B 443 -16.48 -25.84 46.74
C GLN B 443 -15.95 -24.49 46.25
N LYS B 444 -14.73 -24.13 46.66
CA LYS B 444 -14.06 -22.89 46.29
C LYS B 444 -12.96 -23.15 45.27
N ASP B 462 -26.30 -24.63 40.77
CA ASP B 462 -25.30 -25.43 40.09
C ASP B 462 -24.54 -26.33 41.10
N PHE B 463 -23.18 -26.32 41.07
CA PHE B 463 -22.28 -27.11 41.92
C PHE B 463 -22.41 -26.76 43.41
N ARG B 464 -22.77 -25.49 43.71
CA ARG B 464 -22.96 -24.96 45.06
C ARG B 464 -24.07 -25.71 45.80
N HIS B 465 -25.20 -25.95 45.09
CA HIS B 465 -26.38 -26.67 45.60
C HIS B 465 -26.06 -28.16 45.80
N GLY B 466 -25.28 -28.73 44.89
CA GLY B 466 -24.88 -30.13 44.92
C GLY B 466 -23.92 -30.46 46.05
N PHE B 467 -22.94 -29.58 46.30
CA PHE B 467 -21.93 -29.75 47.35
C PHE B 467 -22.51 -29.53 48.74
N ASP B 468 -23.57 -28.69 48.85
CA ASP B 468 -24.28 -28.38 50.09
C ASP B 468 -25.01 -29.59 50.63
N ILE B 469 -25.53 -30.45 49.71
CA ILE B 469 -26.23 -31.70 50.05
C ILE B 469 -25.21 -32.68 50.66
N LEU B 470 -24.01 -32.79 50.05
CA LEU B 470 -22.91 -33.64 50.50
C LEU B 470 -22.38 -33.16 51.86
N VAL B 471 -22.19 -31.82 52.03
CA VAL B 471 -21.74 -31.18 53.27
C VAL B 471 -22.77 -31.46 54.38
N GLY B 472 -24.06 -31.27 54.05
CA GLY B 472 -25.19 -31.54 54.95
C GLY B 472 -25.28 -32.97 55.40
N GLN B 473 -24.94 -33.92 54.51
CA GLN B 473 -24.93 -35.36 54.78
C GLN B 473 -23.77 -35.73 55.71
N ILE B 474 -22.63 -35.01 55.61
CA ILE B 474 -21.47 -35.24 56.48
C ILE B 474 -21.87 -34.78 57.90
N ASP B 475 -22.56 -33.61 58.00
CA ASP B 475 -23.07 -33.02 59.25
C ASP B 475 -24.04 -33.99 59.94
N ASP B 476 -24.88 -34.68 59.15
CA ASP B 476 -25.83 -35.69 59.63
C ASP B 476 -25.11 -36.97 60.07
N ALA B 477 -23.95 -37.27 59.45
CA ALA B 477 -23.15 -38.47 59.74
C ALA B 477 -22.25 -38.28 60.97
N LEU B 478 -21.67 -37.08 61.17
CA LEU B 478 -20.82 -36.80 62.33
C LEU B 478 -21.65 -36.62 63.60
N LYS B 479 -22.97 -36.33 63.45
CA LYS B 479 -23.94 -36.23 64.54
C LYS B 479 -24.05 -37.61 65.19
N LEU B 480 -24.07 -38.66 64.34
CA LEU B 480 -24.11 -40.07 64.71
C LEU B 480 -22.76 -40.51 65.27
N ALA B 481 -21.66 -39.87 64.81
CA ALA B 481 -20.29 -40.13 65.26
C ALA B 481 -20.00 -39.42 66.59
N ASN B 482 -20.83 -38.42 66.96
CA ASN B 482 -20.75 -37.65 68.20
C ASN B 482 -21.51 -38.37 69.32
N GLU B 483 -22.59 -39.08 68.96
CA GLU B 483 -23.43 -39.85 69.88
C GLU B 483 -22.73 -41.16 70.29
N GLY B 484 -21.77 -41.61 69.48
CA GLY B 484 -21.00 -42.84 69.71
C GLY B 484 -21.40 -43.99 68.81
N LYS B 485 -22.41 -43.79 67.95
CA LYS B 485 -22.93 -44.79 67.03
C LYS B 485 -21.97 -45.01 65.85
N VAL B 486 -21.58 -46.27 65.60
CA VAL B 486 -20.66 -46.63 64.50
C VAL B 486 -21.48 -47.19 63.33
N LYS B 487 -22.47 -48.06 63.63
CA LYS B 487 -23.35 -48.72 62.66
C LYS B 487 -24.19 -47.71 61.87
N GLU B 488 -24.75 -46.70 62.57
CA GLU B 488 -25.59 -45.66 61.96
C GLU B 488 -24.75 -44.66 61.16
N ALA B 489 -23.51 -44.38 61.62
CA ALA B 489 -22.58 -43.46 60.97
C ALA B 489 -22.00 -44.06 59.68
N GLN B 490 -21.70 -45.38 59.68
CA GLN B 490 -21.16 -46.11 58.52
C GLN B 490 -22.23 -46.25 57.41
N ALA B 491 -23.51 -46.38 57.82
CA ALA B 491 -24.66 -46.46 56.91
C ALA B 491 -24.91 -45.10 56.25
N ALA B 492 -24.65 -44.01 56.99
CA ALA B 492 -24.78 -42.62 56.52
C ALA B 492 -23.68 -42.29 55.51
N ALA B 493 -22.48 -42.90 55.65
CA ALA B 493 -21.34 -42.72 54.76
C ALA B 493 -21.63 -43.35 53.39
N GLU B 494 -22.36 -44.49 53.38
CA GLU B 494 -22.77 -45.21 52.17
C GLU B 494 -23.82 -44.39 51.38
N GLN B 495 -24.54 -43.48 52.08
CA GLN B 495 -25.53 -42.56 51.49
C GLN B 495 -24.80 -41.45 50.73
N LEU B 496 -23.57 -41.10 51.18
CA LEU B 496 -22.72 -40.10 50.55
C LEU B 496 -22.18 -40.60 49.20
N LYS B 497 -21.99 -41.94 49.06
CA LYS B 497 -21.52 -42.60 47.83
C LYS B 497 -22.52 -42.40 46.67
N THR B 498 -23.83 -42.46 46.95
CA THR B 498 -24.91 -42.26 45.97
C THR B 498 -25.00 -40.77 45.54
N THR B 499 -24.72 -39.82 46.46
CA THR B 499 -24.70 -38.37 46.22
C THR B 499 -23.51 -38.03 45.31
N ARG B 500 -22.38 -38.73 45.54
CA ARG B 500 -21.13 -38.61 44.80
C ARG B 500 -21.29 -39.20 43.39
N ASN B 501 -22.00 -40.34 43.28
CA ASN B 501 -22.28 -41.04 42.03
C ASN B 501 -23.27 -40.28 41.13
N ALA B 502 -24.04 -39.33 41.69
CA ALA B 502 -25.06 -38.59 40.96
C ALA B 502 -24.67 -37.14 40.64
N TYR B 503 -24.29 -36.34 41.66
CA TYR B 503 -24.00 -34.92 41.48
C TYR B 503 -22.56 -34.63 41.03
N ILE B 504 -21.57 -34.78 41.95
CA ILE B 504 -20.16 -34.44 41.74
C ILE B 504 -19.51 -35.24 40.58
N GLN B 505 -19.98 -36.48 40.27
CA GLN B 505 -19.39 -37.28 39.18
C GLN B 505 -19.52 -36.56 37.82
N LYS B 506 -20.66 -35.88 37.56
CA LYS B 506 -20.92 -35.14 36.33
C LYS B 506 -19.92 -33.98 36.11
N TYR B 507 -19.59 -33.23 37.20
CA TYR B 507 -18.67 -32.08 37.19
C TYR B 507 -17.23 -32.52 36.88
N LEU B 508 -16.87 -33.78 37.22
CA LEU B 508 -15.56 -34.37 36.96
C LEU B 508 -15.50 -34.87 35.51
N GLU B 509 -16.60 -35.48 35.01
CA GLU B 509 -16.74 -36.00 33.64
C GLU B 509 -16.64 -34.86 32.62
N ARG B 510 -17.20 -33.68 32.95
CA ARG B 510 -17.18 -32.48 32.11
C ARG B 510 -15.78 -31.86 32.06
N ALA B 511 -14.99 -32.03 33.13
CA ALA B 511 -13.63 -31.51 33.24
C ALA B 511 -12.64 -32.35 32.42
N ARG B 512 -12.81 -33.69 32.44
CA ARG B 512 -11.95 -34.63 31.70
C ARG B 512 -12.19 -34.56 30.20
N SER B 513 -13.44 -34.21 29.80
CA SER B 513 -13.87 -34.08 28.40
C SER B 513 -13.23 -32.89 27.70
N THR B 514 -13.08 -31.75 28.42
CA THR B 514 -12.48 -30.51 27.90
C THR B 514 -10.98 -30.69 27.64
N LEU B 515 -10.32 -31.58 28.40
CA LEU B 515 -8.89 -31.89 28.24
C LEU B 515 -8.66 -32.71 26.96
N SER B 516 -9.68 -33.51 26.55
CA SER B 516 -9.64 -34.32 25.33
C SER B 516 -9.94 -33.47 24.08
N LYS B 517 -10.64 -32.34 24.29
CA LYS B 517 -11.10 -31.40 23.27
C LYS B 517 -10.07 -30.31 22.90
N ILE B 518 -8.87 -30.30 23.53
CA ILE B 518 -7.84 -29.29 23.22
C ILE B 518 -7.19 -29.58 21.85
N ASN B 519 -7.03 -30.90 21.51
CA ASN B 519 -6.44 -31.46 20.28
C ASN B 519 -4.94 -31.14 20.20
N GLU B 520 -4.13 -32.23 20.21
CA GLU B 520 -2.65 -32.28 20.23
C GLU B 520 -1.97 -31.47 19.11
N THR B 521 -2.66 -31.23 17.97
CA THR B 521 -2.10 -30.44 16.85
C THR B 521 -1.97 -28.96 17.24
N MET B 522 -2.81 -28.49 18.20
CA MET B 522 -2.79 -27.11 18.70
C MET B 522 -1.71 -26.92 19.77
N LEU B 523 -1.22 -28.02 20.39
CA LEU B 523 -0.15 -27.98 21.39
C LEU B 523 1.18 -27.69 20.68
N ARG B 524 1.37 -28.35 19.52
CA ARG B 524 2.48 -28.22 18.57
C ARG B 524 2.62 -26.76 18.10
N LEU B 525 1.47 -26.06 17.92
CA LEU B 525 1.42 -24.65 17.52
C LEU B 525 2.09 -23.76 18.57
N GLY B 526 1.90 -24.09 19.85
CA GLY B 526 2.49 -23.37 20.97
C GLY B 526 3.99 -23.49 21.02
N ILE B 527 4.51 -24.71 20.77
CA ILE B 527 5.95 -25.03 20.76
C ILE B 527 6.62 -24.21 19.65
N PHE B 528 6.00 -24.17 18.46
CA PHE B 528 6.48 -23.41 17.30
C PHE B 528 6.40 -21.90 17.56
N GLY B 529 5.34 -21.47 18.27
CA GLY B 529 5.11 -20.07 18.65
C GLY B 529 6.13 -19.53 19.63
N PHE B 530 6.50 -20.33 20.65
CA PHE B 530 7.50 -19.97 21.64
C PHE B 530 8.91 -20.01 21.03
N LEU B 531 9.18 -21.02 20.16
CA LEU B 531 10.46 -21.20 19.46
C LEU B 531 10.72 -20.00 18.54
N ALA B 532 9.69 -19.54 17.80
CA ALA B 532 9.77 -18.37 16.93
C ALA B 532 10.00 -17.11 17.75
N PHE B 533 9.32 -16.99 18.92
CA PHE B 533 9.45 -15.86 19.84
C PHE B 533 10.89 -15.72 20.35
N GLY B 534 11.52 -16.86 20.64
CA GLY B 534 12.91 -16.92 21.10
C GLY B 534 13.87 -16.31 20.11
N PHE B 535 13.70 -16.67 18.81
CA PHE B 535 14.51 -16.16 17.70
C PHE B 535 14.29 -14.66 17.45
N VAL B 536 13.03 -14.18 17.65
CA VAL B 536 12.65 -12.76 17.49
C VAL B 536 13.35 -11.95 18.61
N LEU B 537 13.41 -12.53 19.82
CA LEU B 537 14.08 -11.91 20.98
C LEU B 537 15.60 -11.80 20.73
N ILE B 538 16.20 -12.77 20.01
CA ILE B 538 17.62 -12.77 19.64
C ILE B 538 17.86 -11.66 18.61
N THR B 539 17.00 -11.61 17.55
CA THR B 539 17.03 -10.63 16.47
C THR B 539 16.95 -9.21 17.04
N PHE B 540 16.06 -8.98 18.01
CA PHE B 540 15.88 -7.69 18.68
C PHE B 540 17.16 -7.25 19.41
N SER B 541 17.79 -8.16 20.17
CA SER B 541 19.01 -7.92 20.94
C SER B 541 20.20 -7.56 20.05
N CYS B 542 20.32 -8.19 18.87
CA CYS B 542 21.39 -7.96 17.91
C CYS B 542 21.23 -6.59 17.24
N HIS B 543 19.98 -6.23 16.86
CA HIS B 543 19.66 -4.94 16.23
C HIS B 543 19.79 -3.80 17.25
N PHE B 544 19.54 -4.09 18.55
CA PHE B 544 19.65 -3.11 19.63
C PHE B 544 21.12 -2.82 19.95
N TYR B 545 21.97 -3.86 19.98
CA TYR B 545 23.41 -3.76 20.24
C TYR B 545 24.09 -2.83 19.22
N ASP B 546 23.68 -2.93 17.95
CA ASP B 546 24.19 -2.14 16.84
C ASP B 546 23.78 -0.67 16.96
N PHE B 547 22.51 -0.41 17.28
CA PHE B 547 21.95 0.93 17.47
C PHE B 547 22.62 1.66 18.66
N PHE B 548 22.82 0.95 19.76
CA PHE B 548 23.38 1.50 21.01
C PHE B 548 24.80 2.10 20.84
N ASN B 549 25.67 1.42 20.08
CA ASN B 549 27.07 1.82 19.86
C ASN B 549 27.34 2.38 18.45
N GLN B 550 26.29 2.64 17.63
CA GLN B 550 26.50 3.17 16.28
C GLN B 550 27.05 4.60 16.31
N ALA B 551 26.62 5.42 17.29
CA ALA B 551 27.08 6.80 17.48
C ALA B 551 28.61 6.84 17.71
N GLU B 552 29.15 5.75 18.28
CA GLU B 552 30.59 5.55 18.54
C GLU B 552 31.26 4.96 17.29
N TRP B 553 30.54 4.09 16.55
CA TRP B 553 31.05 3.46 15.33
C TRP B 553 31.11 4.45 14.16
N GLU B 554 30.27 5.51 14.19
CA GLU B 554 30.23 6.57 13.17
C GLU B 554 31.49 7.42 13.31
N ARG B 555 31.84 7.77 14.57
CA ARG B 555 33.03 8.55 14.95
C ARG B 555 34.31 7.84 14.53
N SER B 556 34.40 6.53 14.81
CA SER B 556 35.56 5.69 14.49
C SER B 556 35.74 5.50 12.99
N PHE B 557 34.63 5.30 12.24
CA PHE B 557 34.64 5.13 10.78
C PHE B 557 35.11 6.41 10.10
N ARG B 558 34.62 7.58 10.57
CA ARG B 558 34.98 8.90 10.06
C ARG B 558 36.47 9.17 10.31
N ASP B 559 36.98 8.82 11.51
CA ASP B 559 38.37 9.01 11.93
C ASP B 559 39.35 8.17 11.10
N TYR B 560 38.98 6.94 10.72
CA TYR B 560 39.84 6.05 9.93
C TYR B 560 39.93 6.47 8.46
N VAL B 561 38.81 6.90 7.85
CA VAL B 561 38.78 7.31 6.44
C VAL B 561 39.54 8.64 6.24
N LEU B 562 39.31 9.63 7.12
CA LEU B 562 39.96 10.95 7.05
C LEU B 562 41.48 10.87 7.32
N CYS B 563 41.91 9.88 8.12
CA CYS B 563 43.31 9.61 8.50
C CYS B 563 44.09 9.12 7.28
N GLN B 564 43.50 8.15 6.54
CA GLN B 564 44.07 7.48 5.36
C GLN B 564 44.03 8.35 4.09
N ALA B 565 43.33 9.50 4.16
CA ALA B 565 43.23 10.48 3.06
C ALA B 565 44.60 11.05 2.68
N ASN B 566 45.54 11.17 3.65
CA ASN B 566 46.89 11.67 3.41
C ASN B 566 47.92 10.74 4.05
N VAL B 567 48.78 10.10 3.22
CA VAL B 567 49.80 9.14 3.67
C VAL B 567 51.20 9.71 3.33
N THR B 568 51.61 9.63 2.04
CA THR B 568 52.88 10.11 1.46
C THR B 568 54.09 9.74 2.32
N ASP B 579 50.68 6.02 10.11
CA ASP B 579 49.90 4.86 10.54
C ASP B 579 48.48 5.25 10.96
N CYS B 580 47.48 4.45 10.52
CA CYS B 580 46.08 4.65 10.88
C CYS B 580 45.54 3.37 11.49
N GLU B 581 44.92 3.47 12.68
CA GLU B 581 44.36 2.32 13.41
C GLU B 581 42.86 2.47 13.65
N ILE B 582 42.10 1.39 13.40
CA ILE B 582 40.64 1.36 13.60
C ILE B 582 40.38 1.31 15.11
N LYS B 583 39.71 2.34 15.64
CA LYS B 583 39.37 2.51 17.05
C LYS B 583 38.43 1.37 17.48
N ASN B 584 37.23 1.31 16.88
CA ASN B 584 36.22 0.28 17.14
C ASN B 584 35.33 0.11 15.91
N ARG B 585 34.84 -1.13 15.69
CA ARG B 585 33.99 -1.50 14.56
C ARG B 585 32.85 -2.45 15.00
N PRO B 586 31.73 -2.59 14.24
CA PRO B 586 30.66 -3.51 14.66
C PRO B 586 31.12 -4.97 14.61
N SER B 587 30.72 -5.76 15.63
CA SER B 587 31.08 -7.18 15.75
C SER B 587 30.31 -8.02 14.72
N LEU B 588 31.05 -8.70 13.83
CA LEU B 588 30.50 -9.54 12.76
C LEU B 588 29.86 -10.81 13.30
N LEU B 589 30.43 -11.38 14.39
CA LEU B 589 29.90 -12.60 15.00
C LEU B 589 28.51 -12.36 15.60
N VAL B 590 28.24 -11.11 16.05
CA VAL B 590 26.94 -10.68 16.57
C VAL B 590 25.95 -10.61 15.39
N GLU B 591 26.44 -10.19 14.20
CA GLU B 591 25.66 -10.11 12.96
C GLU B 591 25.38 -11.53 12.45
N LYS B 592 26.31 -12.47 12.70
CA LYS B 592 26.15 -13.89 12.37
C LYS B 592 25.08 -14.51 13.28
N ILE B 593 25.03 -14.06 14.56
CA ILE B 593 24.03 -14.51 15.55
C ILE B 593 22.64 -14.01 15.10
N ASN B 594 22.56 -12.78 14.55
CA ASN B 594 21.32 -12.20 14.02
C ASN B 594 20.80 -13.02 12.84
N LEU B 595 21.70 -13.42 11.93
CA LEU B 595 21.39 -14.24 10.76
C LEU B 595 21.02 -15.66 11.16
N PHE B 596 21.60 -16.16 12.28
CA PHE B 596 21.29 -17.49 12.83
C PHE B 596 19.85 -17.47 13.35
N ALA B 597 19.42 -16.33 13.92
CA ALA B 597 18.07 -16.14 14.45
C ALA B 597 17.05 -15.93 13.32
N MET B 598 17.44 -15.18 12.26
CA MET B 598 16.58 -14.89 11.10
C MET B 598 16.35 -16.16 10.27
N PHE B 599 17.43 -16.77 9.74
CA PHE B 599 17.38 -18.00 8.94
C PHE B 599 16.98 -19.21 9.79
N GLY B 600 17.26 -19.15 11.09
CA GLY B 600 16.91 -20.19 12.06
C GLY B 600 15.42 -20.43 12.14
N THR B 601 14.63 -19.33 12.17
CA THR B 601 13.17 -19.38 12.20
C THR B 601 12.65 -19.95 10.87
N GLY B 602 13.35 -19.62 9.77
CA GLY B 602 13.01 -20.11 8.43
C GLY B 602 13.02 -21.62 8.33
N ILE B 603 14.03 -22.27 8.94
CA ILE B 603 14.18 -23.72 8.99
C ILE B 603 13.29 -24.29 10.11
N ALA B 604 13.17 -23.55 11.24
CA ALA B 604 12.35 -23.95 12.40
C ALA B 604 10.86 -24.01 12.08
N MET B 605 10.36 -23.14 11.19
CA MET B 605 8.94 -23.12 10.80
C MET B 605 8.71 -24.10 9.65
N SER B 606 9.79 -24.49 8.94
CA SER B 606 9.76 -25.44 7.84
C SER B 606 9.54 -26.88 8.34
N THR B 607 9.75 -27.12 9.66
CA THR B 607 9.59 -28.43 10.31
C THR B 607 8.11 -28.73 10.65
N TRP B 608 7.16 -27.91 10.17
CA TRP B 608 5.72 -28.12 10.38
C TRP B 608 5.23 -29.30 9.53
N VAL B 609 5.78 -29.43 8.30
CA VAL B 609 5.47 -30.51 7.36
C VAL B 609 6.41 -31.72 7.58
N TRP B 610 7.19 -31.71 8.68
CA TRP B 610 8.11 -32.79 9.00
C TRP B 610 7.36 -33.82 9.87
N THR B 611 6.30 -34.39 9.26
CA THR B 611 5.40 -35.40 9.83
C THR B 611 5.33 -36.62 8.90
N LYS B 612 4.78 -37.74 9.41
CA LYS B 612 4.65 -38.99 8.65
C LYS B 612 3.56 -38.92 7.57
N ALA B 613 2.56 -38.04 7.77
CA ALA B 613 1.43 -37.84 6.84
C ALA B 613 1.87 -37.20 5.52
N THR B 614 2.91 -36.34 5.55
CA THR B 614 3.44 -35.65 4.37
C THR B 614 4.21 -36.59 3.44
N LEU B 615 4.75 -37.70 3.99
CA LEU B 615 5.47 -38.72 3.22
C LEU B 615 4.52 -39.40 2.23
N LEU B 616 3.28 -39.65 2.68
CA LEU B 616 2.22 -40.28 1.89
C LEU B 616 1.61 -39.28 0.89
N ILE B 617 1.73 -37.95 1.16
CA ILE B 617 1.25 -36.89 0.28
C ILE B 617 2.11 -36.88 -0.99
N TRP B 618 3.45 -36.99 -0.83
CA TRP B 618 4.40 -37.02 -1.94
C TRP B 618 4.32 -38.34 -2.73
N ARG B 619 3.92 -39.44 -2.06
CA ARG B 619 3.77 -40.75 -2.69
C ARG B 619 2.51 -40.80 -3.56
N ARG B 620 1.43 -40.09 -3.14
CA ARG B 620 0.15 -40.03 -3.85
C ARG B 620 0.24 -39.10 -5.09
N THR B 621 1.02 -38.00 -5.00
CA THR B 621 1.24 -37.06 -6.11
C THR B 621 2.15 -37.68 -7.18
N TRP B 622 3.01 -38.64 -6.78
CA TRP B 622 3.92 -39.38 -7.65
C TRP B 622 3.13 -40.24 -8.65
N CYS B 623 2.01 -40.82 -8.17
CA CYS B 623 1.10 -41.67 -8.95
C CYS B 623 0.24 -40.81 -9.89
N ARG B 624 -0.18 -39.61 -9.41
CA ARG B 624 -1.05 -38.64 -10.08
C ARG B 624 -0.48 -38.16 -11.43
N LEU B 625 0.81 -37.79 -11.47
CA LEU B 625 1.46 -37.32 -12.71
C LEU B 625 1.86 -38.52 -13.58
#